data_6RZ5
#
_entry.id   6RZ5
#
_cell.length_a   41.590
_cell.length_b   68.580
_cell.length_c   87.390
_cell.angle_alpha   76.31
_cell.angle_beta   76.68
_cell.angle_gamma   81.21
#
_symmetry.space_group_name_H-M   'P 1'
#
loop_
_entity.id
_entity.type
_entity.pdbx_description
1 polymer 'Cysteinyl leukotriene receptor 1,Soluble cytochrome b562,Cysteinyl leukotriene receptor 1'
2 non-polymer zafirlukast
3 non-polymer '(2R)-2,3-dihydroxypropyl (9Z)-octadec-9-enoate'
4 non-polymer 'OLEIC ACID'
5 non-polymer 'PENTAETHYLENE GLYCOL'
6 non-polymer 'SODIUM ION'
7 water water
#
_entity_poly.entity_id   1
_entity_poly.type   'polypeptide(L)'
_entity_poly.pdbx_seq_one_letter_code
;GGTMDETGNLTVSSATCHDTIDDFRNQVYSTLYSMISVVGFFGNGFVLYVLIKTYHKKSAFQVYMINLAVADLLCVCTLP
LRVVYYVHKGIWLFGDFLCRLSTYALYVNLYCSIFFMTAMSFFRCIAIVFPVQNINLVTQKKARFVCVGIWIFVILTSSP
FLMAKPQKDEKNNTKCFEPPQDNQTKNHVLVLHYVSLFVGFIIPFVIIIVCYTMIILTLLKKSMKSADLEDNWETLNDNL
KVIEKADNAAQVKDALTKMRAAALDAQKATPPKLEDKSPDSPEMKDFRHGFDILVGQIDDALKLANEGKVKEAQAAAEQL
KTTRNAYIQKYLSGKNLSSHKKAIGMIMVVTAAFLVSFMPYHIQRTIHLHFLHNETKPCDSVLRMQKSVVITLSLAASNC
CFDPLLYFFSGGNFRKRLSTFRK
;
_entity_poly.pdbx_strand_id   A,B
#
loop_
_chem_comp.id
_chem_comp.type
_chem_comp.name
_chem_comp.formula
1PE non-polymer 'PENTAETHYLENE GLYCOL' 'C10 H22 O6'
NA non-polymer 'SODIUM ION' 'Na 1'
OLA non-polymer 'OLEIC ACID' 'C18 H34 O2'
OLC non-polymer '(2R)-2,3-dihydroxypropyl (9Z)-octadec-9-enoate' 'C21 H40 O4'
ZLK non-polymer zafirlukast 'C31 H33 N3 O6 S'
#
# COMPACT_ATOMS: atom_id res chain seq x y z
N CYS A 17 -41.80 12.72 -23.56
CA CYS A 17 -40.35 12.60 -23.62
C CYS A 17 -39.71 13.48 -24.71
N HIS A 18 -38.53 14.05 -24.38
CA HIS A 18 -37.68 14.90 -25.22
C HIS A 18 -36.32 15.11 -24.48
N ASP A 19 -35.59 16.19 -24.82
CA ASP A 19 -34.32 16.55 -24.19
C ASP A 19 -34.59 17.61 -23.11
N THR A 20 -35.39 17.21 -22.09
CA THR A 20 -35.84 18.00 -20.94
C THR A 20 -34.65 18.39 -20.02
N ILE A 21 -33.57 17.58 -20.04
CA ILE A 21 -32.34 17.82 -19.29
C ILE A 21 -31.57 19.06 -19.77
N ASP A 22 -31.65 19.40 -21.09
CA ASP A 22 -30.94 20.51 -21.74
C ASP A 22 -30.97 21.85 -20.98
N ASP A 23 -32.14 22.27 -20.46
CA ASP A 23 -32.23 23.52 -19.70
C ASP A 23 -31.67 23.36 -18.27
N PHE A 24 -31.85 22.17 -17.66
CA PHE A 24 -31.35 21.84 -16.32
C PHE A 24 -29.81 21.83 -16.34
N ARG A 25 -29.24 21.17 -17.38
CA ARG A 25 -27.82 21.01 -17.66
C ARG A 25 -27.14 22.38 -17.71
N ASN A 26 -27.71 23.31 -18.52
CA ASN A 26 -27.21 24.68 -18.71
C ASN A 26 -27.41 25.57 -17.46
N GLN A 27 -28.40 25.27 -16.61
CA GLN A 27 -28.65 26.06 -15.41
C GLN A 27 -27.72 25.67 -14.25
N VAL A 28 -27.62 24.36 -13.96
CA VAL A 28 -26.81 23.79 -12.88
C VAL A 28 -25.31 23.97 -13.22
N TYR A 29 -24.90 23.67 -14.47
CA TYR A 29 -23.50 23.85 -14.85
C TYR A 29 -23.03 25.29 -14.70
N SER A 30 -23.80 26.28 -15.23
CA SER A 30 -23.46 27.69 -15.14
C SER A 30 -23.25 28.17 -13.71
N THR A 31 -24.17 27.77 -12.78
CA THR A 31 -24.11 28.14 -11.37
C THR A 31 -22.87 27.56 -10.67
N LEU A 32 -22.76 26.19 -10.67
CA LEU A 32 -21.69 25.47 -10.00
C LEU A 32 -20.29 25.79 -10.55
N TYR A 33 -20.11 25.84 -11.88
CA TYR A 33 -18.79 26.18 -12.42
C TYR A 33 -18.39 27.60 -12.06
N SER A 34 -19.36 28.56 -12.07
CA SER A 34 -19.14 29.96 -11.67
C SER A 34 -18.68 30.03 -10.22
N MET A 35 -19.37 29.30 -9.32
CA MET A 35 -19.02 29.24 -7.91
C MET A 35 -17.63 28.62 -7.67
N ILE A 36 -17.33 27.44 -8.29
CA ILE A 36 -16.05 26.72 -8.18
C ILE A 36 -14.89 27.63 -8.70
N SER A 37 -15.10 28.34 -9.82
CA SER A 37 -14.08 29.25 -10.38
C SER A 37 -13.71 30.39 -9.42
N VAL A 38 -14.70 31.04 -8.77
CA VAL A 38 -14.46 32.15 -7.85
C VAL A 38 -13.81 31.64 -6.56
N VAL A 39 -14.41 30.66 -5.86
CA VAL A 39 -13.89 30.07 -4.61
C VAL A 39 -12.50 29.40 -4.82
N GLY A 40 -12.34 28.68 -5.94
CA GLY A 40 -11.11 27.98 -6.31
C GLY A 40 -9.95 28.90 -6.65
N PHE A 41 -10.20 29.93 -7.49
CA PHE A 41 -9.18 30.91 -7.86
C PHE A 41 -8.66 31.69 -6.65
N PHE A 42 -9.55 32.32 -5.84
CA PHE A 42 -9.13 33.09 -4.68
C PHE A 42 -8.54 32.25 -3.54
N GLY A 43 -9.10 31.07 -3.29
CA GLY A 43 -8.64 30.15 -2.26
C GLY A 43 -7.25 29.62 -2.52
N ASN A 44 -7.01 29.11 -3.74
CA ASN A 44 -5.71 28.55 -4.11
C ASN A 44 -4.71 29.60 -4.49
N GLY A 45 -5.19 30.73 -5.02
CA GLY A 45 -4.38 31.90 -5.33
C GLY A 45 -3.77 32.45 -4.05
N PHE A 46 -4.57 32.52 -2.98
CA PHE A 46 -4.13 32.97 -1.66
C PHE A 46 -3.10 32.00 -1.05
N VAL A 47 -3.40 30.68 -1.10
CA VAL A 47 -2.55 29.60 -0.59
C VAL A 47 -1.19 29.59 -1.31
N LEU A 48 -1.23 29.80 -2.63
CA LEU A 48 -0.03 29.87 -3.45
C LEU A 48 0.80 31.10 -3.08
N TYR A 49 0.14 32.27 -2.87
CA TYR A 49 0.78 33.53 -2.46
C TYR A 49 1.52 33.34 -1.14
N VAL A 50 0.80 32.85 -0.09
CA VAL A 50 1.33 32.58 1.25
C VAL A 50 2.52 31.58 1.23
N LEU A 51 2.45 30.52 0.38
CA LEU A 51 3.52 29.51 0.27
C LEU A 51 4.75 29.97 -0.52
N ILE A 52 4.56 30.81 -1.56
CA ILE A 52 5.65 31.35 -2.38
C ILE A 52 6.47 32.35 -1.55
N LYS A 53 5.80 33.23 -0.78
CA LYS A 53 6.41 34.26 0.06
C LYS A 53 6.84 33.74 1.46
N THR A 54 7.20 32.43 1.55
CA THR A 54 7.65 31.80 2.81
C THR A 54 9.14 32.10 3.08
N TYR A 55 9.48 32.38 4.36
CA TYR A 55 10.85 32.66 4.81
C TYR A 55 11.49 31.39 5.34
N HIS A 56 10.81 30.69 6.28
CA HIS A 56 11.26 29.43 6.86
C HIS A 56 11.23 28.29 5.81
N LYS A 57 12.08 27.25 6.01
CA LYS A 57 12.26 26.09 5.12
C LYS A 57 10.95 25.39 4.75
N LYS A 58 10.86 25.02 3.46
CA LYS A 58 9.74 24.32 2.84
C LYS A 58 9.67 22.87 3.30
N SER A 59 8.49 22.40 3.72
CA SER A 59 8.23 21.03 4.17
C SER A 59 7.82 20.16 2.98
N ALA A 60 7.74 18.81 3.18
CA ALA A 60 7.27 17.89 2.14
C ALA A 60 5.79 18.21 1.87
N PHE A 61 5.02 18.50 2.95
CA PHE A 61 3.60 18.88 2.88
C PHE A 61 3.42 20.14 2.05
N GLN A 62 4.32 21.13 2.19
CA GLN A 62 4.29 22.39 1.44
C GLN A 62 4.55 22.17 -0.06
N VAL A 63 5.45 21.22 -0.40
CA VAL A 63 5.79 20.84 -1.80
C VAL A 63 4.50 20.31 -2.45
N TYR A 64 3.82 19.35 -1.77
CA TYR A 64 2.56 18.78 -2.21
C TYR A 64 1.47 19.86 -2.28
N MET A 65 1.45 20.78 -1.30
CA MET A 65 0.52 21.92 -1.27
C MET A 65 0.66 22.85 -2.48
N ILE A 66 1.91 23.28 -2.84
CA ILE A 66 2.19 24.16 -3.99
C ILE A 66 1.70 23.50 -5.30
N ASN A 67 1.99 22.18 -5.44
CA ASN A 67 1.62 21.39 -6.59
C ASN A 67 0.11 21.21 -6.75
N LEU A 68 -0.62 21.02 -5.63
CA LEU A 68 -2.08 20.94 -5.60
C LEU A 68 -2.67 22.29 -6.02
N ALA A 69 -2.16 23.39 -5.44
CA ALA A 69 -2.54 24.75 -5.75
C ALA A 69 -2.45 25.04 -7.27
N VAL A 70 -1.27 24.72 -7.91
CA VAL A 70 -0.98 24.91 -9.35
C VAL A 70 -1.91 24.06 -10.22
N ALA A 71 -2.14 22.78 -9.84
CA ALA A 71 -3.03 21.87 -10.56
C ALA A 71 -4.48 22.35 -10.48
N ASP A 72 -4.87 22.96 -9.35
CA ASP A 72 -6.18 23.56 -9.14
C ASP A 72 -6.34 24.83 -9.98
N LEU A 73 -5.32 25.75 -10.01
CA LEU A 73 -5.38 27.02 -10.78
C LEU A 73 -5.42 26.81 -12.30
N LEU A 74 -4.64 25.83 -12.80
CA LEU A 74 -4.62 25.36 -14.19
C LEU A 74 -6.06 25.04 -14.67
N CYS A 75 -6.87 24.39 -13.83
CA CYS A 75 -8.22 23.98 -14.14
C CYS A 75 -9.25 25.10 -13.91
N VAL A 76 -9.13 25.92 -12.80
CA VAL A 76 -10.08 27.03 -12.54
C VAL A 76 -10.01 28.10 -13.64
N CYS A 77 -8.87 28.22 -14.35
CA CYS A 77 -8.71 29.18 -15.44
C CYS A 77 -9.39 28.72 -16.73
N THR A 78 -9.79 27.43 -16.81
CA THR A 78 -10.51 26.86 -17.95
C THR A 78 -12.03 26.80 -17.70
N LEU A 79 -12.45 26.64 -16.42
CA LEU A 79 -13.87 26.59 -16.03
C LEU A 79 -14.70 27.79 -16.53
N PRO A 80 -14.19 29.08 -16.55
CA PRO A 80 -15.00 30.17 -17.12
C PRO A 80 -15.43 29.95 -18.59
N LEU A 81 -14.64 29.17 -19.39
CA LEU A 81 -14.99 28.80 -20.77
C LEU A 81 -16.20 27.85 -20.76
N ARG A 82 -16.24 26.87 -19.82
CA ARG A 82 -17.38 25.95 -19.64
C ARG A 82 -18.64 26.77 -19.32
N VAL A 83 -18.51 27.80 -18.47
CA VAL A 83 -19.59 28.72 -18.08
C VAL A 83 -20.18 29.43 -19.33
N VAL A 84 -19.33 30.01 -20.19
CA VAL A 84 -19.67 30.72 -21.44
C VAL A 84 -20.41 29.79 -22.42
N TYR A 85 -20.03 28.49 -22.44
CA TYR A 85 -20.63 27.45 -23.29
C TYR A 85 -22.08 27.14 -22.89
N TYR A 86 -22.34 26.94 -21.60
CA TYR A 86 -23.67 26.61 -21.07
C TYR A 86 -24.60 27.85 -20.99
N VAL A 87 -24.02 29.07 -20.93
CA VAL A 87 -24.72 30.35 -20.97
C VAL A 87 -25.23 30.57 -22.43
N HIS A 88 -24.49 30.04 -23.41
CA HIS A 88 -24.80 30.09 -24.84
C HIS A 88 -25.66 28.92 -25.33
N LYS A 89 -26.39 28.26 -24.41
CA LYS A 89 -27.28 27.13 -24.68
C LYS A 89 -26.56 25.95 -25.41
N GLY A 90 -25.34 25.64 -24.93
CA GLY A 90 -24.52 24.55 -25.46
C GLY A 90 -23.93 24.75 -26.85
N ILE A 91 -23.35 25.93 -27.11
CA ILE A 91 -22.69 26.21 -28.39
C ILE A 91 -21.24 26.60 -28.08
N TRP A 92 -20.26 25.81 -28.60
CA TRP A 92 -18.84 26.12 -28.38
C TRP A 92 -18.37 27.15 -29.41
N LEU A 93 -17.74 28.24 -28.95
CA LEU A 93 -17.32 29.31 -29.87
C LEU A 93 -15.83 29.69 -29.75
N PHE A 94 -14.97 28.77 -29.27
CA PHE A 94 -13.52 29.03 -29.11
C PHE A 94 -12.61 28.13 -29.96
N GLY A 95 -13.21 27.28 -30.81
CA GLY A 95 -12.47 26.36 -31.67
C GLY A 95 -12.22 24.99 -31.07
N ASP A 96 -11.65 24.08 -31.89
CA ASP A 96 -11.35 22.71 -31.51
C ASP A 96 -10.29 22.64 -30.42
N PHE A 97 -9.13 23.34 -30.60
CA PHE A 97 -8.01 23.31 -29.65
C PHE A 97 -8.44 23.59 -28.22
N LEU A 98 -9.17 24.72 -28.02
CA LEU A 98 -9.66 25.10 -26.70
C LEU A 98 -10.71 24.15 -26.15
N CYS A 99 -11.43 23.40 -27.01
CA CYS A 99 -12.38 22.42 -26.51
C CYS A 99 -11.62 21.23 -25.92
N ARG A 100 -10.60 20.75 -26.66
CA ARG A 100 -9.75 19.61 -26.29
C ARG A 100 -8.89 19.94 -25.10
N LEU A 101 -8.43 21.21 -24.99
CA LEU A 101 -7.64 21.72 -23.86
C LEU A 101 -8.47 21.89 -22.59
N SER A 102 -9.74 22.31 -22.69
CA SER A 102 -10.63 22.45 -21.53
C SER A 102 -11.03 21.09 -20.96
N THR A 103 -11.23 20.07 -21.83
CA THR A 103 -11.56 18.70 -21.42
C THR A 103 -10.38 18.06 -20.69
N TYR A 104 -9.20 18.11 -21.31
CA TYR A 104 -7.93 17.58 -20.83
C TYR A 104 -7.59 18.16 -19.46
N ALA A 105 -7.71 19.50 -19.31
CA ALA A 105 -7.44 20.25 -18.09
C ALA A 105 -8.20 19.74 -16.89
N LEU A 106 -9.47 19.33 -17.04
CA LEU A 106 -10.23 18.81 -15.89
C LEU A 106 -9.72 17.45 -15.44
N TYR A 107 -9.42 16.53 -16.40
CA TYR A 107 -8.93 15.19 -16.07
C TYR A 107 -7.51 15.22 -15.47
N VAL A 108 -6.67 16.15 -15.94
CA VAL A 108 -5.30 16.33 -15.43
C VAL A 108 -5.39 16.80 -13.94
N ASN A 109 -6.19 17.85 -13.65
CA ASN A 109 -6.41 18.39 -12.32
C ASN A 109 -6.97 17.31 -11.37
N LEU A 110 -7.98 16.55 -11.84
CA LEU A 110 -8.61 15.51 -11.04
C LEU A 110 -7.67 14.37 -10.65
N TYR A 111 -6.92 13.80 -11.62
CA TYR A 111 -6.00 12.70 -11.32
C TYR A 111 -4.67 13.17 -10.67
N CYS A 112 -4.24 14.42 -10.93
CA CYS A 112 -3.07 15.00 -10.25
C CYS A 112 -3.42 15.16 -8.76
N SER A 113 -4.62 15.74 -8.43
CA SER A 113 -5.06 15.96 -7.03
C SER A 113 -5.18 14.67 -6.23
N ILE A 114 -5.70 13.60 -6.86
CA ILE A 114 -5.82 12.25 -6.26
C ILE A 114 -4.42 11.73 -5.92
N PHE A 115 -3.45 11.85 -6.86
CA PHE A 115 -2.09 11.37 -6.64
C PHE A 115 -1.29 12.19 -5.61
N PHE A 116 -1.44 13.54 -5.58
CA PHE A 116 -0.75 14.41 -4.63
C PHE A 116 -1.28 14.18 -3.21
N MET A 117 -2.61 14.00 -3.06
CA MET A 117 -3.23 13.71 -1.74
C MET A 117 -2.75 12.35 -1.20
N THR A 118 -2.61 11.32 -2.09
CA THR A 118 -2.12 9.98 -1.76
C THR A 118 -0.66 10.05 -1.27
N ALA A 119 0.20 10.75 -2.04
CA ALA A 119 1.62 10.94 -1.75
C ALA A 119 1.84 11.69 -0.45
N MET A 120 0.99 12.69 -0.16
CA MET A 120 1.02 13.49 1.07
C MET A 120 0.67 12.62 2.27
N SER A 121 -0.42 11.80 2.15
CA SER A 121 -0.88 10.88 3.19
C SER A 121 0.19 9.82 3.49
N PHE A 122 0.79 9.23 2.44
CA PHE A 122 1.83 8.22 2.56
C PHE A 122 3.04 8.73 3.32
N PHE A 123 3.48 9.96 3.01
CA PHE A 123 4.61 10.64 3.64
C PHE A 123 4.36 10.93 5.11
N ARG A 124 3.17 11.50 5.42
CA ARG A 124 2.75 11.80 6.79
C ARG A 124 2.63 10.52 7.65
N CYS A 125 2.23 9.40 7.03
CA CYS A 125 2.11 8.09 7.68
C CYS A 125 3.47 7.61 8.18
N ILE A 126 4.48 7.56 7.28
CA ILE A 126 5.86 7.15 7.57
C ILE A 126 6.47 8.08 8.65
N ALA A 127 6.13 9.37 8.63
CA ALA A 127 6.55 10.34 9.64
C ALA A 127 5.98 9.99 11.03
N ILE A 128 4.64 9.76 11.14
CA ILE A 128 3.93 9.45 12.40
C ILE A 128 4.27 8.05 12.94
N VAL A 129 4.06 7.00 12.12
CA VAL A 129 4.26 5.59 12.48
C VAL A 129 5.72 5.24 12.78
N PHE A 130 6.67 5.74 11.97
CA PHE A 130 8.11 5.48 12.14
C PHE A 130 8.90 6.78 12.45
N PRO A 131 8.83 7.36 13.68
CA PRO A 131 9.58 8.61 13.95
C PRO A 131 11.11 8.45 14.04
N VAL A 132 11.60 7.19 14.00
CA VAL A 132 13.02 6.84 13.97
C VAL A 132 13.46 6.88 12.51
N GLN A 133 14.30 7.88 12.16
CA GLN A 133 14.82 8.16 10.81
C GLN A 133 13.68 8.64 9.84
N ASN A 134 12.60 9.21 10.41
CA ASN A 134 11.46 9.76 9.67
C ASN A 134 11.87 11.00 8.89
N ILE A 135 12.66 11.90 9.52
CA ILE A 135 13.15 13.16 8.94
C ILE A 135 14.16 12.94 7.78
N ASN A 136 14.71 11.70 7.65
CA ASN A 136 15.67 11.33 6.60
C ASN A 136 15.01 10.48 5.48
N LEU A 137 13.92 9.76 5.81
CA LEU A 137 13.17 8.90 4.87
C LEU A 137 12.12 9.69 4.07
N VAL A 138 11.39 10.61 4.73
CA VAL A 138 10.36 11.45 4.13
C VAL A 138 10.83 12.91 4.11
N THR A 139 11.69 13.23 3.12
CA THR A 139 12.31 14.53 2.93
C THR A 139 11.64 15.39 1.84
N GLN A 140 11.91 16.71 1.87
CA GLN A 140 11.42 17.69 0.89
C GLN A 140 12.00 17.40 -0.50
N LYS A 141 13.21 16.79 -0.55
CA LYS A 141 13.89 16.39 -1.78
C LYS A 141 13.12 15.23 -2.45
N LYS A 142 12.62 14.30 -1.61
CA LYS A 142 11.86 13.13 -2.04
C LYS A 142 10.48 13.55 -2.56
N ALA A 143 9.84 14.53 -1.86
CA ALA A 143 8.54 15.05 -2.23
C ALA A 143 8.58 15.67 -3.63
N ARG A 144 9.68 16.42 -3.95
CA ARG A 144 9.90 17.09 -5.23
C ARG A 144 10.02 16.13 -6.38
N PHE A 145 10.77 15.03 -6.20
CA PHE A 145 10.95 14.00 -7.23
C PHE A 145 9.64 13.26 -7.56
N VAL A 146 8.83 12.93 -6.50
CA VAL A 146 7.54 12.23 -6.59
C VAL A 146 6.55 13.10 -7.41
N CYS A 147 6.46 14.41 -7.10
CA CYS A 147 5.57 15.35 -7.78
C CYS A 147 5.86 15.47 -9.27
N VAL A 148 7.14 15.54 -9.66
CA VAL A 148 7.57 15.58 -11.08
C VAL A 148 7.06 14.31 -11.77
N GLY A 149 7.30 13.15 -11.13
CA GLY A 149 6.86 11.83 -11.57
C GLY A 149 5.35 11.78 -11.79
N ILE A 150 4.57 12.38 -10.83
CA ILE A 150 3.12 12.48 -10.87
C ILE A 150 2.66 13.32 -12.08
N TRP A 151 3.27 14.51 -12.29
CA TRP A 151 2.97 15.40 -13.41
C TRP A 151 3.21 14.71 -14.76
N ILE A 152 4.39 14.07 -14.94
CA ILE A 152 4.72 13.38 -16.19
C ILE A 152 3.73 12.24 -16.48
N PHE A 153 3.49 11.36 -15.48
CA PHE A 153 2.55 10.24 -15.60
C PHE A 153 1.13 10.67 -16.02
N VAL A 154 0.51 11.63 -15.29
CA VAL A 154 -0.84 12.18 -15.53
C VAL A 154 -0.94 12.91 -16.89
N ILE A 155 0.00 13.84 -17.20
CA ILE A 155 0.06 14.57 -18.49
C ILE A 155 0.09 13.61 -19.69
N LEU A 156 0.86 12.49 -19.60
CA LEU A 156 0.97 11.52 -20.68
C LEU A 156 -0.24 10.58 -20.83
N THR A 157 -0.67 9.93 -19.71
CA THR A 157 -1.79 8.99 -19.73
C THR A 157 -3.16 9.65 -20.05
N SER A 158 -3.30 10.96 -19.82
CA SER A 158 -4.52 11.73 -20.10
C SER A 158 -4.55 12.33 -21.52
N SER A 159 -3.41 12.31 -22.25
CA SER A 159 -3.26 12.89 -23.59
C SER A 159 -4.33 12.43 -24.63
N PRO A 160 -4.90 11.19 -24.64
CA PRO A 160 -5.96 10.90 -25.63
C PRO A 160 -7.14 11.90 -25.66
N PHE A 161 -7.37 12.67 -24.59
CA PHE A 161 -8.42 13.68 -24.50
C PHE A 161 -8.10 14.95 -25.31
N LEU A 162 -6.82 15.13 -25.67
CA LEU A 162 -6.29 16.23 -26.49
C LEU A 162 -6.38 15.89 -27.98
N MET A 163 -6.37 14.60 -28.33
CA MET A 163 -6.41 14.13 -29.72
C MET A 163 -7.75 13.43 -30.08
N ALA A 164 -8.85 13.88 -29.46
CA ALA A 164 -10.19 13.35 -29.71
C ALA A 164 -10.90 14.10 -30.82
N LYS A 165 -11.75 13.39 -31.59
CA LYS A 165 -12.53 13.90 -32.72
C LYS A 165 -13.47 15.04 -32.32
N PRO A 166 -13.57 16.13 -33.14
CA PRO A 166 -14.48 17.23 -32.79
C PRO A 166 -15.96 16.81 -32.78
N GLN A 167 -16.76 17.42 -31.89
CA GLN A 167 -18.19 17.12 -31.74
C GLN A 167 -19.02 18.20 -32.44
N LYS A 168 -19.93 17.80 -33.33
CA LYS A 168 -20.81 18.72 -34.08
C LYS A 168 -22.25 18.22 -33.98
N ASP A 169 -23.22 19.14 -33.75
CA ASP A 169 -24.64 18.79 -33.67
C ASP A 169 -25.32 18.72 -35.04
N GLU A 170 -26.62 18.29 -35.06
CA GLU A 170 -27.47 18.17 -36.26
C GLU A 170 -27.40 19.43 -37.15
N LYS A 171 -27.38 20.61 -36.49
CA LYS A 171 -27.31 21.93 -37.13
C LYS A 171 -25.87 22.41 -37.37
N ASN A 172 -24.89 21.47 -37.45
CA ASN A 172 -23.46 21.70 -37.72
C ASN A 172 -22.75 22.69 -36.75
N ASN A 173 -23.26 22.82 -35.49
CA ASN A 173 -22.68 23.68 -34.45
C ASN A 173 -21.61 22.90 -33.69
N THR A 174 -20.51 23.56 -33.29
CA THR A 174 -19.45 22.90 -32.51
C THR A 174 -19.89 22.71 -31.06
N LYS A 175 -19.75 21.47 -30.59
CA LYS A 175 -20.09 21.03 -29.23
C LYS A 175 -18.80 20.72 -28.48
N CYS A 176 -18.92 20.61 -27.17
CA CYS A 176 -17.83 20.29 -26.27
C CYS A 176 -18.42 19.63 -25.04
N PHE A 177 -17.62 18.78 -24.36
CA PHE A 177 -17.97 18.08 -23.11
C PHE A 177 -19.20 17.13 -23.24
N GLU A 178 -19.39 16.51 -24.43
CA GLU A 178 -20.50 15.60 -24.67
C GLU A 178 -20.30 14.20 -24.09
N PRO A 179 -21.28 13.66 -23.32
CA PRO A 179 -21.14 12.30 -22.78
C PRO A 179 -21.65 11.25 -23.77
N PRO A 180 -21.26 9.95 -23.68
CA PRO A 180 -21.89 8.94 -24.55
C PRO A 180 -23.35 8.78 -24.06
N GLN A 181 -24.29 9.49 -24.72
CA GLN A 181 -25.70 9.61 -24.31
C GLN A 181 -26.54 8.32 -24.39
N ASP A 182 -26.73 7.77 -25.60
CA ASP A 182 -27.51 6.54 -25.86
C ASP A 182 -26.99 5.82 -27.09
N ASN A 183 -26.81 4.47 -26.98
CA ASN A 183 -26.30 3.56 -28.02
C ASN A 183 -24.84 3.87 -28.46
N GLN A 184 -24.20 4.89 -27.85
CA GLN A 184 -22.81 5.26 -28.10
C GLN A 184 -21.97 4.39 -27.13
N THR A 185 -22.06 3.05 -27.34
CA THR A 185 -21.41 1.99 -26.55
C THR A 185 -20.19 1.44 -27.26
N LYS A 186 -19.06 1.29 -26.53
CA LYS A 186 -17.79 0.75 -27.05
C LYS A 186 -17.14 -0.13 -25.99
N ASN A 187 -16.53 -1.26 -26.42
CA ASN A 187 -15.90 -2.20 -25.49
C ASN A 187 -14.51 -1.75 -25.00
N HIS A 188 -13.71 -1.07 -25.85
N HIS A 188 -13.72 -1.07 -25.84
CA HIS A 188 -12.38 -0.63 -25.43
CA HIS A 188 -12.39 -0.66 -25.40
C HIS A 188 -12.42 0.67 -24.60
C HIS A 188 -12.40 0.68 -24.65
N VAL A 189 -13.57 1.37 -24.60
CA VAL A 189 -13.75 2.59 -23.80
C VAL A 189 -14.02 2.07 -22.37
N LEU A 190 -14.67 0.89 -22.29
CA LEU A 190 -14.99 0.19 -21.06
C LEU A 190 -13.72 -0.42 -20.42
N VAL A 191 -12.75 -0.84 -21.24
CA VAL A 191 -11.48 -1.40 -20.76
C VAL A 191 -10.60 -0.25 -20.25
N LEU A 192 -10.63 0.92 -20.91
CA LEU A 192 -9.89 2.11 -20.48
C LEU A 192 -10.49 2.70 -19.21
N HIS A 193 -11.83 2.64 -19.07
CA HIS A 193 -12.55 3.07 -17.89
C HIS A 193 -12.08 2.27 -16.70
N TYR A 194 -11.97 0.93 -16.82
CA TYR A 194 -11.57 0.06 -15.73
C TYR A 194 -10.11 0.22 -15.30
N VAL A 195 -9.17 0.38 -16.24
CA VAL A 195 -7.74 0.57 -15.92
C VAL A 195 -7.59 1.89 -15.16
N SER A 196 -8.29 2.97 -15.65
CA SER A 196 -8.33 4.32 -15.08
C SER A 196 -8.95 4.30 -13.64
N LEU A 197 -10.07 3.57 -13.46
CA LEU A 197 -10.76 3.38 -12.19
C LEU A 197 -9.84 2.76 -11.16
N PHE A 198 -9.09 1.72 -11.54
CA PHE A 198 -8.22 1.02 -10.62
C PHE A 198 -6.92 1.77 -10.29
N VAL A 199 -6.18 2.19 -11.32
CA VAL A 199 -4.89 2.87 -11.22
C VAL A 199 -5.07 4.30 -10.68
N GLY A 200 -6.11 5.00 -11.13
CA GLY A 200 -6.39 6.39 -10.79
C GLY A 200 -7.29 6.70 -9.62
N PHE A 201 -8.06 5.70 -9.10
CA PHE A 201 -8.97 5.90 -7.98
C PHE A 201 -8.95 4.82 -6.91
N ILE A 202 -9.16 3.53 -7.29
CA ILE A 202 -9.23 2.43 -6.31
C ILE A 202 -7.87 2.18 -5.60
N ILE A 203 -6.74 2.08 -6.32
CA ILE A 203 -5.44 1.87 -5.66
C ILE A 203 -5.11 3.08 -4.78
N PRO A 204 -5.16 4.36 -5.25
CA PRO A 204 -4.91 5.50 -4.34
C PRO A 204 -5.82 5.54 -3.12
N PHE A 205 -7.14 5.28 -3.27
CA PHE A 205 -8.06 5.21 -2.13
C PHE A 205 -7.71 4.12 -1.09
N VAL A 206 -7.32 2.90 -1.54
CA VAL A 206 -6.95 1.79 -0.64
C VAL A 206 -5.71 2.19 0.19
N ILE A 207 -4.67 2.77 -0.44
CA ILE A 207 -3.44 3.27 0.21
C ILE A 207 -3.80 4.29 1.32
N ILE A 208 -4.75 5.23 1.03
CA ILE A 208 -5.27 6.20 2.01
C ILE A 208 -6.01 5.47 3.16
N ILE A 209 -6.96 4.53 2.87
CA ILE A 209 -7.65 3.76 3.92
C ILE A 209 -6.61 3.12 4.89
N VAL A 210 -5.63 2.37 4.36
CA VAL A 210 -4.57 1.69 5.12
C VAL A 210 -3.71 2.67 5.93
N CYS A 211 -3.13 3.71 5.28
CA CYS A 211 -2.32 4.75 5.93
C CYS A 211 -3.06 5.43 7.07
N TYR A 212 -4.33 5.81 6.85
CA TYR A 212 -5.13 6.47 7.87
C TYR A 212 -5.48 5.55 9.02
N THR A 213 -5.62 4.22 8.77
CA THR A 213 -5.87 3.25 9.81
C THR A 213 -4.64 3.20 10.75
N MET A 214 -3.43 3.13 10.16
CA MET A 214 -2.15 3.10 10.88
C MET A 214 -1.90 4.35 11.72
N ILE A 215 -2.22 5.55 11.16
CA ILE A 215 -2.07 6.85 11.83
C ILE A 215 -3.00 6.91 13.04
N ILE A 216 -4.30 6.59 12.86
CA ILE A 216 -5.29 6.63 13.94
C ILE A 216 -4.92 5.69 15.12
N LEU A 217 -4.46 4.46 14.83
CA LEU A 217 -4.05 3.49 15.86
C LEU A 217 -2.81 3.95 16.61
N THR A 218 -1.85 4.55 15.88
CA THR A 218 -0.62 5.13 16.43
C THR A 218 -0.97 6.32 17.33
N LEU A 219 -1.89 7.18 16.88
CA LEU A 219 -2.34 8.36 17.62
C LEU A 219 -3.03 8.02 18.94
N LEU A 220 -3.72 6.86 19.00
CA LEU A 220 -4.40 6.38 20.22
C LEU A 220 -3.37 5.88 21.23
N LYS A 221 -2.37 5.08 20.74
CA LYS A 221 -1.27 4.53 21.55
C LYS A 221 -0.51 5.67 22.23
N LYS A 222 -0.19 6.73 21.47
CA LYS A 222 0.53 7.92 21.94
C LYS A 222 -0.34 8.80 22.84
N SER A 223 -1.67 8.82 22.61
CA SER A 223 -2.64 9.60 23.39
C SER A 223 -2.88 8.97 24.76
N MET A 224 -2.86 7.63 24.84
CA MET A 224 -3.05 6.87 26.08
C MET A 224 -1.81 6.94 26.97
N LYS A 225 -0.62 6.85 26.36
CA LYS A 225 0.66 6.94 27.05
C LYS A 225 0.85 8.34 27.69
N SER A 226 0.39 9.41 27.00
CA SER A 226 0.48 10.78 27.47
C SER A 226 -0.54 11.08 28.57
N ALA A 227 -1.56 10.21 28.73
CA ALA A 227 -2.57 10.35 29.78
C ALA A 227 -2.01 9.80 31.09
N ASP A 228 -1.16 8.76 30.99
CA ASP A 228 -0.48 8.14 32.14
C ASP A 228 0.58 9.11 32.68
N LEU A 229 1.31 9.81 31.78
CA LEU A 229 2.31 10.83 32.08
C LEU A 229 1.63 12.04 32.74
N GLU A 230 0.37 12.31 32.35
CA GLU A 230 -0.49 13.36 32.89
C GLU A 230 -1.07 12.91 34.24
N ASP A 231 -1.21 11.58 34.45
CA ASP A 231 -1.73 10.96 35.67
C ASP A 231 -0.67 10.91 36.77
N ASN A 232 0.60 10.65 36.40
CA ASN A 232 1.72 10.60 37.36
C ASN A 232 2.09 12.02 37.80
N TRP A 233 1.99 13.02 36.87
CA TRP A 233 2.25 14.42 37.15
C TRP A 233 1.15 14.98 38.07
N GLU A 234 -0.08 14.45 37.93
CA GLU A 234 -1.24 14.84 38.74
C GLU A 234 -1.10 14.34 40.18
N THR A 235 -0.61 13.09 40.39
CA THR A 235 -0.39 12.50 41.72
C THR A 235 0.74 13.21 42.48
N LEU A 236 1.85 13.55 41.80
CA LEU A 236 2.98 14.27 42.40
C LEU A 236 2.51 15.61 43.00
N ASN A 237 1.76 16.40 42.22
CA ASN A 237 1.21 17.71 42.62
C ASN A 237 0.16 17.57 43.74
N ASP A 238 -0.71 16.54 43.67
CA ASP A 238 -1.76 16.29 44.66
C ASP A 238 -1.22 15.87 46.01
N ASN A 239 -0.22 14.95 46.05
CA ASN A 239 0.39 14.49 47.30
C ASN A 239 1.25 15.58 47.97
N LEU A 240 1.72 16.57 47.16
CA LEU A 240 2.49 17.73 47.64
C LEU A 240 1.55 18.60 48.49
N LYS A 241 0.26 18.67 48.09
CA LYS A 241 -0.81 19.39 48.79
C LYS A 241 -1.32 18.56 49.98
N VAL A 242 -1.12 17.21 49.94
CA VAL A 242 -1.50 16.28 51.01
C VAL A 242 -0.54 16.42 52.20
N ILE A 243 0.71 16.90 51.96
CA ILE A 243 1.72 17.15 52.97
C ILE A 243 1.31 18.36 53.85
N GLU A 244 0.97 19.51 53.21
CA GLU A 244 0.57 20.75 53.89
C GLU A 244 -0.86 20.64 54.41
N VAL A 252 2.09 11.99 56.44
CA VAL A 252 3.23 12.46 55.65
C VAL A 252 4.03 11.29 55.06
N LYS A 253 3.90 10.10 55.67
CA LYS A 253 4.55 8.87 55.23
C LYS A 253 3.77 8.25 54.07
N ASP A 254 2.43 8.42 54.08
CA ASP A 254 1.51 7.92 53.06
C ASP A 254 1.68 8.68 51.73
N ALA A 255 1.80 10.02 51.79
CA ALA A 255 2.00 10.90 50.63
C ALA A 255 3.36 10.64 49.97
N LEU A 256 4.38 10.27 50.76
CA LEU A 256 5.72 9.96 50.25
C LEU A 256 5.72 8.64 49.47
N THR A 257 5.21 7.54 50.08
CA THR A 257 5.16 6.21 49.44
C THR A 257 4.39 6.23 48.10
N LYS A 258 3.44 7.18 47.95
CA LYS A 258 2.62 7.38 46.75
C LYS A 258 3.38 8.16 45.66
N MET A 259 4.12 9.23 46.02
CA MET A 259 4.89 10.04 45.07
C MET A 259 6.10 9.33 44.49
N ARG A 260 6.73 8.43 45.28
CA ARG A 260 7.90 7.66 44.87
C ARG A 260 7.58 6.62 43.82
N ALA A 261 6.46 5.89 43.98
CA ALA A 261 6.03 4.88 43.00
C ALA A 261 5.64 5.53 41.66
N ALA A 262 5.13 6.78 41.71
CA ALA A 262 4.71 7.58 40.56
C ALA A 262 5.88 8.26 39.86
N ALA A 263 6.90 8.73 40.61
CA ALA A 263 8.10 9.38 40.06
C ALA A 263 8.96 8.39 39.24
N LEU A 264 8.99 7.10 39.65
CA LEU A 264 9.70 6.01 38.95
C LEU A 264 8.92 5.65 37.67
N ASP A 265 7.57 5.64 37.78
CA ASP A 265 6.62 5.34 36.71
C ASP A 265 6.70 6.42 35.63
N ALA A 266 6.72 7.71 36.05
CA ALA A 266 6.84 8.86 35.15
C ALA A 266 8.18 8.87 34.43
N GLN A 267 9.25 8.42 35.12
CA GLN A 267 10.61 8.32 34.58
C GLN A 267 10.66 7.35 33.38
N LYS A 268 9.91 6.23 33.45
CA LYS A 268 9.81 5.21 32.41
C LYS A 268 9.10 5.76 31.17
N ALA A 269 8.10 6.66 31.38
CA ALA A 269 7.30 7.28 30.32
C ALA A 269 8.08 8.33 29.53
N THR A 270 7.71 8.49 28.25
CA THR A 270 8.30 9.47 27.32
C THR A 270 7.36 10.68 27.19
N PRO A 271 7.85 11.92 27.40
CA PRO A 271 6.97 13.10 27.29
C PRO A 271 6.65 13.49 25.84
N PRO A 272 5.54 14.24 25.59
CA PRO A 272 5.22 14.61 24.20
C PRO A 272 6.24 15.52 23.52
N LYS A 273 6.89 16.42 24.29
CA LYS A 273 7.90 17.36 23.81
C LYS A 273 9.10 16.62 23.17
N LEU A 274 9.60 15.57 23.84
CA LEU A 274 10.73 14.74 23.39
C LEU A 274 10.24 13.37 22.88
N GLU A 275 9.28 13.38 21.93
CA GLU A 275 8.70 12.16 21.35
C GLU A 275 9.43 11.67 20.10
N ASP A 276 9.96 12.61 19.27
CA ASP A 276 10.68 12.32 18.02
C ASP A 276 12.15 11.94 18.22
N LYS A 277 12.80 12.49 19.26
CA LYS A 277 14.20 12.23 19.61
C LYS A 277 14.45 10.79 20.07
N SER A 278 15.72 10.34 19.99
CA SER A 278 16.21 9.01 20.37
C SER A 278 16.06 8.70 21.87
N PRO A 279 15.98 7.41 22.30
CA PRO A 279 15.85 7.12 23.75
C PRO A 279 17.12 7.42 24.55
N ASP A 280 18.30 7.36 23.90
CA ASP A 280 19.60 7.61 24.50
C ASP A 280 20.13 9.02 24.25
N SER A 281 19.24 9.92 23.74
CA SER A 281 19.56 11.33 23.44
C SER A 281 19.87 12.13 24.71
N PRO A 282 20.77 13.16 24.66
CA PRO A 282 21.06 13.95 25.88
C PRO A 282 19.85 14.76 26.39
N GLU A 283 18.84 14.95 25.53
CA GLU A 283 17.58 15.61 25.89
C GLU A 283 16.74 14.65 26.74
N MET A 284 16.76 13.33 26.37
CA MET A 284 16.03 12.27 27.08
C MET A 284 16.71 11.95 28.41
N LYS A 285 18.06 11.99 28.42
CA LYS A 285 18.90 11.74 29.60
C LYS A 285 18.61 12.75 30.71
N ASP A 286 18.45 14.04 30.35
CA ASP A 286 18.15 15.15 31.25
C ASP A 286 16.83 14.95 31.99
N PHE A 287 15.77 14.58 31.25
CA PHE A 287 14.45 14.33 31.81
C PHE A 287 14.49 13.12 32.74
N ARG A 288 15.17 12.03 32.32
CA ARG A 288 15.33 10.80 33.10
C ARG A 288 16.19 11.01 34.35
N HIS A 289 17.18 11.93 34.29
CA HIS A 289 18.06 12.29 35.41
C HIS A 289 17.33 13.19 36.40
N GLY A 290 16.44 14.04 35.87
CA GLY A 290 15.61 14.96 36.64
C GLY A 290 14.69 14.22 37.60
N PHE A 291 14.15 13.08 37.15
CA PHE A 291 13.31 12.19 37.96
C PHE A 291 14.20 11.39 38.92
N ASP A 292 15.49 11.17 38.55
CA ASP A 292 16.46 10.46 39.37
C ASP A 292 16.86 11.31 40.57
N ILE A 293 17.05 12.64 40.36
CA ILE A 293 17.38 13.61 41.41
C ILE A 293 16.17 13.82 42.34
N LEU A 294 14.95 13.79 41.76
CA LEU A 294 13.68 13.94 42.46
C LEU A 294 13.37 12.70 43.33
N VAL A 295 13.73 11.48 42.86
CA VAL A 295 13.53 10.23 43.59
C VAL A 295 14.40 10.18 44.85
N GLY A 296 15.63 10.70 44.73
CA GLY A 296 16.60 10.82 45.82
C GLY A 296 16.12 11.78 46.90
N GLN A 297 15.54 12.93 46.46
CA GLN A 297 14.95 13.97 47.32
C GLN A 297 13.71 13.44 48.03
N ILE A 298 12.98 12.49 47.39
CA ILE A 298 11.78 11.86 47.94
C ILE A 298 12.14 10.95 49.12
N ASP A 299 13.17 10.08 48.94
CA ASP A 299 13.66 9.16 49.97
C ASP A 299 14.24 9.90 51.19
N ASP A 300 14.84 11.09 50.95
CA ASP A 300 15.42 11.97 51.98
C ASP A 300 14.32 12.51 52.90
N ALA A 301 13.17 12.88 52.31
CA ALA A 301 12.00 13.40 53.03
C ALA A 301 11.28 12.26 53.73
N ALA A 317 9.72 19.48 51.60
CA ALA A 317 8.70 19.55 50.56
C ALA A 317 8.97 20.70 49.58
N GLU A 318 9.51 21.83 50.07
CA GLU A 318 9.85 23.00 49.25
C GLU A 318 11.17 22.78 48.46
N GLN A 319 11.95 21.74 48.84
CA GLN A 319 13.21 21.36 48.19
C GLN A 319 12.92 20.50 46.95
N LEU A 320 11.95 19.57 47.04
CA LEU A 320 11.52 18.70 45.93
C LEU A 320 10.60 19.45 44.96
N LYS A 321 9.97 20.55 45.41
CA LYS A 321 9.10 21.40 44.59
C LYS A 321 9.96 22.25 43.62
N THR A 322 11.25 22.44 43.95
CA THR A 322 12.21 23.17 43.13
C THR A 322 12.66 22.34 41.93
N THR A 323 12.83 21.02 42.10
CA THR A 323 13.25 20.07 41.06
C THR A 323 12.15 19.88 40.01
N ARG A 324 10.88 19.79 40.46
CA ARG A 324 9.70 19.64 39.61
C ARG A 324 9.37 20.92 38.83
N ASN A 325 10.08 22.03 39.16
CA ASN A 325 9.92 23.35 38.54
C ASN A 325 11.16 23.80 37.73
N ALA A 326 12.16 22.90 37.56
CA ALA A 326 13.43 23.21 36.88
C ALA A 326 13.98 22.05 36.06
N TYR A 327 13.76 20.79 36.48
CA TYR A 327 14.24 19.58 35.80
C TYR A 327 13.14 18.77 35.09
N ILE A 328 11.86 19.11 35.34
CA ILE A 328 10.72 18.38 34.75
C ILE A 328 9.59 19.27 34.21
N GLN A 329 9.47 20.53 34.67
CA GLN A 329 8.40 21.45 34.25
C GLN A 329 8.37 21.77 32.75
N LYS A 330 9.57 21.85 32.11
CA LYS A 330 9.71 22.15 30.68
C LYS A 330 9.18 21.02 29.78
N TYR A 331 9.51 19.75 30.13
CA TYR A 331 9.11 18.54 29.38
C TYR A 331 7.61 18.24 29.47
N LEU A 332 6.95 18.67 30.58
CA LEU A 332 5.53 18.46 30.83
C LEU A 332 4.84 19.76 31.24
N LEU A 337 0.34 18.24 21.83
CA LEU A 337 1.19 18.07 20.65
C LEU A 337 0.48 18.50 19.36
N SER A 338 1.14 19.35 18.57
CA SER A 338 0.62 19.92 17.31
C SER A 338 0.69 18.96 16.12
N SER A 339 1.76 18.12 16.03
CA SER A 339 1.97 17.12 14.97
C SER A 339 0.79 16.15 14.84
N HIS A 340 0.04 16.01 15.94
CA HIS A 340 -1.16 15.22 16.15
C HIS A 340 -2.40 15.92 15.59
N LYS A 341 -2.48 17.27 15.74
CA LYS A 341 -3.58 18.11 15.26
C LYS A 341 -3.56 18.31 13.74
N LYS A 342 -2.34 18.42 13.14
CA LYS A 342 -2.13 18.58 11.69
C LYS A 342 -2.42 17.26 10.93
N ALA A 343 -2.20 16.11 11.59
CA ALA A 343 -2.48 14.79 11.04
C ALA A 343 -3.99 14.56 11.02
N ILE A 344 -4.72 14.94 12.11
CA ILE A 344 -6.18 14.83 12.20
C ILE A 344 -6.86 15.74 11.18
N GLY A 345 -6.32 16.95 11.00
CA GLY A 345 -6.83 17.94 10.03
C GLY A 345 -6.80 17.42 8.61
N MET A 346 -5.64 16.81 8.20
CA MET A 346 -5.40 16.20 6.89
C MET A 346 -6.37 15.06 6.65
N ILE A 347 -6.52 14.11 7.64
CA ILE A 347 -7.42 12.96 7.59
C ILE A 347 -8.85 13.41 7.27
N MET A 348 -9.36 14.42 7.96
CA MET A 348 -10.73 14.90 7.78
C MET A 348 -10.97 15.55 6.43
N VAL A 349 -10.07 16.43 5.95
CA VAL A 349 -10.25 17.13 4.67
C VAL A 349 -10.11 16.16 3.46
N VAL A 350 -9.03 15.33 3.44
CA VAL A 350 -8.74 14.34 2.37
C VAL A 350 -9.85 13.25 2.25
N THR A 351 -10.36 12.74 3.39
CA THR A 351 -11.43 11.74 3.44
C THR A 351 -12.70 12.30 2.83
N ALA A 352 -13.04 13.59 3.16
CA ALA A 352 -14.19 14.32 2.63
C ALA A 352 -14.01 14.56 1.13
N ALA A 353 -12.81 14.98 0.71
CA ALA A 353 -12.48 15.18 -0.69
C ALA A 353 -12.71 13.86 -1.45
N PHE A 354 -12.31 12.68 -0.89
CA PHE A 354 -12.53 11.40 -1.57
C PHE A 354 -14.01 10.96 -1.61
N LEU A 355 -14.75 11.13 -0.49
CA LEU A 355 -16.15 10.70 -0.43
C LEU A 355 -17.08 11.62 -1.23
N VAL A 356 -16.87 12.93 -1.14
CA VAL A 356 -17.70 13.96 -1.79
C VAL A 356 -17.33 14.25 -3.24
N SER A 357 -16.05 14.42 -3.56
CA SER A 357 -15.63 14.85 -4.90
C SER A 357 -15.26 13.69 -5.88
N PHE A 358 -14.22 12.92 -5.55
CA PHE A 358 -13.67 11.84 -6.38
C PHE A 358 -14.55 10.61 -6.51
N MET A 359 -15.16 10.11 -5.39
CA MET A 359 -15.92 8.86 -5.44
C MET A 359 -17.25 8.90 -6.25
N PRO A 360 -18.19 9.87 -6.10
CA PRO A 360 -19.42 9.81 -6.90
C PRO A 360 -19.19 9.74 -8.41
N TYR A 361 -18.21 10.54 -8.96
CA TYR A 361 -17.86 10.55 -10.38
C TYR A 361 -17.44 9.16 -10.86
N HIS A 362 -16.54 8.48 -10.12
CA HIS A 362 -16.07 7.14 -10.46
C HIS A 362 -17.13 6.04 -10.36
N ILE A 363 -18.13 6.19 -9.47
CA ILE A 363 -19.22 5.21 -9.36
C ILE A 363 -20.19 5.46 -10.52
N GLN A 364 -20.50 6.74 -10.78
CA GLN A 364 -21.40 7.16 -11.85
C GLN A 364 -20.92 6.78 -13.27
N ARG A 365 -19.60 6.93 -13.53
CA ARG A 365 -18.94 6.59 -14.79
C ARG A 365 -19.05 5.10 -15.05
N THR A 366 -18.94 4.26 -14.00
CA THR A 366 -19.09 2.79 -14.10
C THR A 366 -20.53 2.48 -14.52
N ILE A 367 -21.52 3.00 -13.75
CA ILE A 367 -22.96 2.85 -13.99
C ILE A 367 -23.34 3.33 -15.40
N HIS A 368 -22.93 4.57 -15.77
CA HIS A 368 -23.22 5.20 -17.06
C HIS A 368 -22.74 4.40 -18.26
N LEU A 369 -21.46 4.01 -18.28
CA LEU A 369 -20.87 3.25 -19.39
C LEU A 369 -21.52 1.89 -19.60
N HIS A 370 -21.93 1.19 -18.51
CA HIS A 370 -22.63 -0.09 -18.60
C HIS A 370 -24.08 0.10 -19.05
N PHE A 371 -24.74 1.21 -18.66
CA PHE A 371 -26.13 1.56 -19.01
C PHE A 371 -26.28 1.69 -20.53
N LEU A 372 -25.22 2.13 -21.21
CA LEU A 372 -25.15 2.33 -22.65
C LEU A 372 -25.21 1.00 -23.42
N HIS A 373 -24.70 -0.09 -22.79
CA HIS A 373 -24.66 -1.45 -23.35
C HIS A 373 -26.00 -2.20 -23.18
N ASN A 374 -26.89 -1.70 -22.29
CA ASN A 374 -28.22 -2.27 -22.01
C ASN A 374 -29.18 -2.05 -23.19
N GLU A 375 -29.93 -3.11 -23.58
CA GLU A 375 -30.88 -3.12 -24.69
C GLU A 375 -32.01 -2.08 -24.55
N THR A 376 -32.76 -2.10 -23.42
CA THR A 376 -33.87 -1.17 -23.14
C THR A 376 -33.35 0.14 -22.54
N LYS A 377 -33.85 1.29 -23.05
CA LYS A 377 -33.48 2.61 -22.56
C LYS A 377 -34.69 3.58 -22.46
N PRO A 378 -35.50 3.52 -21.37
CA PRO A 378 -36.64 4.44 -21.24
C PRO A 378 -36.20 5.87 -20.89
N CYS A 379 -37.00 6.88 -21.30
CA CYS A 379 -36.73 8.30 -21.05
C CYS A 379 -36.62 8.66 -19.58
N ASP A 380 -37.42 7.99 -18.72
CA ASP A 380 -37.43 8.21 -17.26
C ASP A 380 -36.13 7.74 -16.58
N SER A 381 -35.35 6.87 -17.26
CA SER A 381 -34.07 6.37 -16.80
C SER A 381 -32.93 7.18 -17.42
N VAL A 382 -33.05 7.51 -18.73
CA VAL A 382 -32.07 8.32 -19.48
C VAL A 382 -31.98 9.75 -18.91
N LEU A 383 -33.09 10.31 -18.38
CA LEU A 383 -33.14 11.64 -17.77
C LEU A 383 -32.34 11.65 -16.44
N ARG A 384 -32.66 10.71 -15.52
CA ARG A 384 -32.00 10.56 -14.22
C ARG A 384 -30.49 10.20 -14.34
N MET A 385 -30.10 9.57 -15.48
CA MET A 385 -28.70 9.21 -15.80
C MET A 385 -27.94 10.45 -16.20
N GLN A 386 -28.55 11.29 -17.06
CA GLN A 386 -27.97 12.53 -17.56
C GLN A 386 -27.89 13.61 -16.48
N LYS A 387 -28.85 13.64 -15.55
CA LYS A 387 -28.82 14.59 -14.44
C LYS A 387 -27.65 14.23 -13.51
N SER A 388 -27.41 12.92 -13.31
CA SER A 388 -26.32 12.40 -12.47
C SER A 388 -24.93 12.73 -13.04
N VAL A 389 -24.78 12.75 -14.39
CA VAL A 389 -23.53 13.12 -15.08
C VAL A 389 -23.21 14.58 -14.75
N VAL A 390 -24.24 15.47 -14.77
CA VAL A 390 -24.13 16.90 -14.47
C VAL A 390 -23.67 17.11 -13.02
N ILE A 391 -24.30 16.42 -12.06
CA ILE A 391 -24.01 16.54 -10.63
C ILE A 391 -22.65 15.92 -10.26
N THR A 392 -22.35 14.67 -10.72
CA THR A 392 -21.10 13.96 -10.34
C THR A 392 -19.84 14.63 -10.95
N LEU A 393 -19.96 15.25 -12.14
CA LEU A 393 -18.88 15.99 -12.80
C LEU A 393 -18.61 17.34 -12.11
N SER A 394 -19.67 18.02 -11.61
CA SER A 394 -19.61 19.28 -10.87
C SER A 394 -18.92 19.02 -9.52
N LEU A 395 -19.25 17.85 -8.89
CA LEU A 395 -18.66 17.41 -7.63
C LEU A 395 -17.18 17.09 -7.81
N ALA A 396 -16.81 16.43 -8.94
CA ALA A 396 -15.43 16.11 -9.30
C ALA A 396 -14.65 17.41 -9.49
N ALA A 397 -15.19 18.38 -10.26
CA ALA A 397 -14.58 19.70 -10.51
C ALA A 397 -14.43 20.58 -9.24
N SER A 398 -15.30 20.37 -8.21
CA SER A 398 -15.28 21.10 -6.92
C SER A 398 -14.12 20.68 -6.00
N ASN A 399 -13.23 19.76 -6.47
CA ASN A 399 -12.09 19.27 -5.69
C ASN A 399 -11.12 20.40 -5.28
N CYS A 400 -10.99 21.45 -6.14
CA CYS A 400 -10.13 22.62 -5.93
C CYS A 400 -10.56 23.46 -4.70
N CYS A 401 -11.83 23.35 -4.28
CA CYS A 401 -12.39 24.03 -3.11
C CYS A 401 -11.92 23.41 -1.79
N PHE A 402 -11.53 22.13 -1.79
CA PHE A 402 -11.08 21.41 -0.60
C PHE A 402 -9.61 21.72 -0.25
N ASP A 403 -8.78 22.05 -1.25
CA ASP A 403 -7.34 22.26 -1.02
C ASP A 403 -7.01 23.49 -0.18
N PRO A 404 -7.67 24.67 -0.29
CA PRO A 404 -7.41 25.74 0.69
C PRO A 404 -7.77 25.31 2.14
N LEU A 405 -8.82 24.48 2.33
CA LEU A 405 -9.22 23.94 3.64
C LEU A 405 -8.18 22.99 4.20
N LEU A 406 -7.48 22.25 3.34
CA LEU A 406 -6.41 21.34 3.73
C LEU A 406 -5.24 22.17 4.30
N TYR A 407 -4.96 23.35 3.72
CA TYR A 407 -3.92 24.26 4.20
C TYR A 407 -4.25 24.91 5.57
N PHE A 408 -5.53 25.29 5.82
CA PHE A 408 -5.92 25.88 7.12
C PHE A 408 -5.81 24.86 8.26
N PHE A 409 -6.27 23.59 8.03
CA PHE A 409 -6.36 22.55 9.07
C PHE A 409 -5.12 21.68 9.24
N SER A 410 -4.24 21.62 8.24
CA SER A 410 -3.04 20.76 8.27
C SER A 410 -1.69 21.50 8.00
N GLY A 411 -1.74 22.83 7.88
CA GLY A 411 -0.57 23.66 7.62
C GLY A 411 0.03 24.29 8.85
N CYS B 17 -33.22 -23.16 -19.31
CA CYS B 17 -33.70 -23.51 -20.64
C CYS B 17 -33.12 -24.87 -21.11
N HIS B 18 -32.10 -24.87 -22.00
CA HIS B 18 -31.43 -26.08 -22.47
C HIS B 18 -30.10 -26.20 -21.74
N ASP B 19 -29.97 -27.27 -20.93
CA ASP B 19 -28.76 -27.51 -20.15
C ASP B 19 -27.87 -28.61 -20.76
N THR B 20 -26.69 -28.18 -21.23
CA THR B 20 -25.62 -29.01 -21.78
C THR B 20 -24.44 -28.97 -20.78
N ILE B 21 -24.62 -28.22 -19.67
CA ILE B 21 -23.59 -28.01 -18.66
C ILE B 21 -23.51 -29.14 -17.62
N ASP B 22 -24.66 -29.75 -17.25
CA ASP B 22 -24.79 -30.81 -16.23
C ASP B 22 -23.74 -31.94 -16.31
N ASP B 23 -23.46 -32.47 -17.51
CA ASP B 23 -22.45 -33.52 -17.67
C ASP B 23 -21.03 -32.96 -17.62
N PHE B 24 -20.82 -31.74 -18.13
CA PHE B 24 -19.53 -31.03 -18.11
C PHE B 24 -19.12 -30.71 -16.65
N ARG B 25 -20.07 -30.12 -15.84
CA ARG B 25 -19.91 -29.77 -14.42
C ARG B 25 -19.41 -31.00 -13.67
N ASN B 26 -20.15 -32.14 -13.80
CA ASN B 26 -19.87 -33.43 -13.16
C ASN B 26 -18.53 -34.06 -13.58
N GLN B 27 -18.06 -33.81 -14.85
CA GLN B 27 -16.81 -34.35 -15.39
C GLN B 27 -15.57 -33.57 -14.96
N VAL B 28 -15.61 -32.22 -15.13
CA VAL B 28 -14.52 -31.30 -14.78
C VAL B 28 -14.37 -31.22 -13.25
N TYR B 29 -15.50 -31.10 -12.53
CA TYR B 29 -15.51 -31.05 -11.07
C TYR B 29 -14.89 -32.28 -10.43
N SER B 30 -15.26 -33.50 -10.87
CA SER B 30 -14.70 -34.77 -10.38
C SER B 30 -13.18 -34.88 -10.59
N THR B 31 -12.69 -34.50 -11.79
CA THR B 31 -11.27 -34.57 -12.13
C THR B 31 -10.42 -33.61 -11.27
N LEU B 32 -10.71 -32.31 -11.36
CA LEU B 32 -9.97 -31.25 -10.68
C LEU B 32 -9.99 -31.38 -9.15
N TYR B 33 -11.18 -31.65 -8.53
CA TYR B 33 -11.24 -31.82 -7.08
C TYR B 33 -10.43 -33.04 -6.64
N SER B 34 -10.47 -34.16 -7.42
CA SER B 34 -9.69 -35.36 -7.14
C SER B 34 -8.18 -35.05 -7.15
N MET B 35 -7.73 -34.33 -8.18
CA MET B 35 -6.33 -33.88 -8.30
C MET B 35 -5.89 -32.97 -7.15
N ILE B 36 -6.69 -31.90 -6.84
CA ILE B 36 -6.42 -30.94 -5.77
C ILE B 36 -6.35 -31.66 -4.38
N SER B 37 -7.27 -32.62 -4.13
CA SER B 37 -7.29 -33.38 -2.88
C SER B 37 -6.00 -34.20 -2.68
N VAL B 38 -5.50 -34.90 -3.74
CA VAL B 38 -4.31 -35.74 -3.63
C VAL B 38 -3.04 -34.88 -3.49
N VAL B 39 -2.81 -33.93 -4.41
CA VAL B 39 -1.66 -33.00 -4.38
C VAL B 39 -1.63 -32.11 -3.10
N GLY B 40 -2.81 -31.61 -2.71
CA GLY B 40 -3.00 -30.77 -1.54
C GLY B 40 -2.75 -31.47 -0.22
N PHE B 41 -3.35 -32.66 -0.04
CA PHE B 41 -3.18 -33.46 1.18
C PHE B 41 -1.72 -33.88 1.41
N PHE B 42 -1.07 -34.51 0.39
CA PHE B 42 0.33 -34.95 0.52
C PHE B 42 1.36 -33.82 0.56
N GLY B 43 1.21 -32.81 -0.31
CA GLY B 43 2.12 -31.66 -0.36
C GLY B 43 2.10 -30.82 0.91
N ASN B 44 0.90 -30.55 1.43
CA ASN B 44 0.77 -29.77 2.65
C ASN B 44 1.10 -30.60 3.87
N GLY B 45 0.60 -31.85 3.91
CA GLY B 45 0.88 -32.83 4.95
C GLY B 45 2.37 -33.02 5.17
N PHE B 46 3.13 -33.04 4.07
CA PHE B 46 4.59 -33.13 4.09
C PHE B 46 5.21 -31.86 4.70
N VAL B 47 4.75 -30.66 4.25
CA VAL B 47 5.22 -29.34 4.71
C VAL B 47 4.94 -29.19 6.22
N LEU B 48 3.77 -29.65 6.67
CA LEU B 48 3.39 -29.62 8.07
C LEU B 48 4.30 -30.54 8.89
N TYR B 49 4.60 -31.76 8.37
CA TYR B 49 5.50 -32.75 8.99
C TYR B 49 6.88 -32.14 9.18
N VAL B 50 7.50 -31.62 8.09
CA VAL B 50 8.82 -30.98 8.08
C VAL B 50 8.90 -29.77 9.05
N LEU B 51 7.83 -28.95 9.14
CA LEU B 51 7.78 -27.78 10.04
C LEU B 51 7.58 -28.12 11.53
N ILE B 52 6.79 -29.18 11.82
CA ILE B 52 6.53 -29.65 13.18
C ILE B 52 7.80 -30.26 13.78
N LYS B 53 8.52 -31.09 12.99
CA LYS B 53 9.77 -31.75 13.38
C LYS B 53 11.05 -30.88 13.20
N THR B 54 10.87 -29.54 13.13
CA THR B 54 11.90 -28.49 13.08
C THR B 54 11.40 -27.29 13.91
N TYR B 55 10.78 -27.59 15.08
CA TYR B 55 10.21 -26.63 16.02
C TYR B 55 11.28 -25.86 16.84
N HIS B 56 12.55 -26.38 16.84
CA HIS B 56 13.74 -25.83 17.52
C HIS B 56 13.92 -24.31 17.32
N LYS B 57 13.76 -23.85 16.06
CA LYS B 57 13.88 -22.43 15.67
C LYS B 57 12.69 -22.04 14.76
N LYS B 58 11.65 -21.40 15.34
CA LYS B 58 10.46 -20.98 14.57
C LYS B 58 10.50 -19.50 14.19
N SER B 59 10.39 -19.22 12.87
CA SER B 59 10.38 -17.87 12.30
C SER B 59 8.94 -17.39 12.19
N ALA B 60 8.73 -16.09 11.86
CA ALA B 60 7.40 -15.53 11.62
C ALA B 60 6.83 -16.19 10.35
N PHE B 61 7.70 -16.40 9.33
CA PHE B 61 7.35 -17.09 8.07
C PHE B 61 6.85 -18.51 8.33
N GLN B 62 7.50 -19.24 9.27
CA GLN B 62 7.13 -20.60 9.65
C GLN B 62 5.76 -20.65 10.32
N VAL B 63 5.42 -19.62 11.17
CA VAL B 63 4.13 -19.47 11.86
C VAL B 63 3.03 -19.37 10.78
N TYR B 64 3.22 -18.44 9.82
CA TYR B 64 2.32 -18.26 8.68
C TYR B 64 2.24 -19.53 7.83
N MET B 65 3.39 -20.22 7.63
CA MET B 65 3.45 -21.48 6.88
C MET B 65 2.62 -22.59 7.52
N ILE B 66 2.75 -22.82 8.86
CA ILE B 66 1.99 -23.84 9.61
C ILE B 66 0.48 -23.57 9.47
N ASN B 67 0.08 -22.29 9.62
CA ASN B 67 -1.31 -21.83 9.54
C ASN B 67 -1.93 -22.02 8.16
N LEU B 68 -1.13 -21.77 7.08
CA LEU B 68 -1.55 -21.99 5.69
C LEU B 68 -1.78 -23.50 5.45
N ALA B 69 -0.82 -24.37 5.90
CA ALA B 69 -0.91 -25.83 5.76
C ALA B 69 -2.18 -26.39 6.46
N VAL B 70 -2.49 -25.89 7.69
CA VAL B 70 -3.66 -26.31 8.47
C VAL B 70 -4.97 -25.88 7.78
N ALA B 71 -5.02 -24.62 7.27
CA ALA B 71 -6.18 -24.08 6.55
C ALA B 71 -6.41 -24.84 5.24
N ASP B 72 -5.31 -25.28 4.58
CA ASP B 72 -5.36 -26.08 3.36
C ASP B 72 -5.85 -27.48 3.65
N LEU B 73 -5.33 -28.10 4.74
CA LEU B 73 -5.67 -29.46 5.15
C LEU B 73 -7.13 -29.65 5.54
N LEU B 74 -7.72 -28.68 6.26
CA LEU B 74 -9.13 -28.72 6.68
C LEU B 74 -10.09 -28.68 5.46
N CYS B 75 -9.68 -27.97 4.38
CA CYS B 75 -10.46 -27.91 3.14
C CYS B 75 -10.27 -29.16 2.24
N VAL B 76 -9.02 -29.68 2.11
CA VAL B 76 -8.75 -30.88 1.27
C VAL B 76 -9.48 -32.12 1.83
N CYS B 77 -9.79 -32.14 3.12
CA CYS B 77 -10.51 -33.25 3.76
C CYS B 77 -12.01 -33.23 3.45
N THR B 78 -12.53 -32.10 2.93
CA THR B 78 -13.94 -31.94 2.54
C THR B 78 -14.14 -32.14 1.03
N LEU B 79 -13.11 -31.81 0.22
CA LEU B 79 -13.14 -31.96 -1.25
C LEU B 79 -13.52 -33.39 -1.71
N PRO B 80 -13.08 -34.52 -1.07
CA PRO B 80 -13.57 -35.86 -1.49
C PRO B 80 -15.10 -36.01 -1.48
N LEU B 81 -15.82 -35.27 -0.60
CA LEU B 81 -17.30 -35.28 -0.56
C LEU B 81 -17.87 -34.63 -1.81
N ARG B 82 -17.25 -33.48 -2.25
CA ARG B 82 -17.62 -32.78 -3.48
C ARG B 82 -17.45 -33.72 -4.67
N VAL B 83 -16.38 -34.56 -4.69
CA VAL B 83 -16.08 -35.58 -5.72
C VAL B 83 -17.23 -36.63 -5.80
N VAL B 84 -17.63 -37.20 -4.64
CA VAL B 84 -18.72 -38.21 -4.49
C VAL B 84 -20.08 -37.67 -5.01
N TYR B 85 -20.32 -36.36 -4.82
CA TYR B 85 -21.54 -35.66 -5.25
C TYR B 85 -21.65 -35.59 -6.80
N TYR B 86 -20.55 -35.23 -7.50
CA TYR B 86 -20.51 -35.08 -8.96
C TYR B 86 -20.37 -36.42 -9.67
N VAL B 87 -19.85 -37.43 -8.96
CA VAL B 87 -19.73 -38.80 -9.44
C VAL B 87 -21.17 -39.40 -9.45
N HIS B 88 -22.03 -38.92 -8.52
CA HIS B 88 -23.43 -39.33 -8.37
C HIS B 88 -24.42 -38.49 -9.18
N LYS B 89 -23.91 -37.80 -10.23
CA LYS B 89 -24.66 -36.94 -11.14
C LYS B 89 -25.47 -35.83 -10.39
N GLY B 90 -24.80 -35.19 -9.43
CA GLY B 90 -25.34 -34.11 -8.63
C GLY B 90 -26.42 -34.46 -7.62
N ILE B 91 -26.22 -35.53 -6.84
CA ILE B 91 -27.16 -35.93 -5.79
C ILE B 91 -26.38 -35.95 -4.45
N TRP B 92 -26.80 -35.11 -3.47
CA TRP B 92 -26.13 -35.06 -2.16
C TRP B 92 -26.68 -36.17 -1.28
N LEU B 93 -25.80 -36.99 -0.69
CA LEU B 93 -26.24 -38.12 0.14
C LEU B 93 -25.63 -38.16 1.56
N PHE B 94 -25.18 -37.01 2.10
CA PHE B 94 -24.58 -36.94 3.43
C PHE B 94 -25.34 -36.06 4.45
N GLY B 95 -26.50 -35.56 4.06
CA GLY B 95 -27.30 -34.70 4.94
C GLY B 95 -27.04 -33.21 4.79
N ASP B 96 -27.87 -32.40 5.45
CA ASP B 96 -27.79 -30.94 5.42
C ASP B 96 -26.49 -30.43 6.04
N PHE B 97 -26.16 -30.88 7.27
CA PHE B 97 -24.98 -30.42 8.02
C PHE B 97 -23.71 -30.50 7.20
N LEU B 98 -23.43 -31.69 6.61
CA LEU B 98 -22.24 -31.90 5.79
C LEU B 98 -22.26 -31.08 4.50
N CYS B 99 -23.45 -30.70 4.00
CA CYS B 99 -23.51 -29.83 2.83
C CYS B 99 -23.04 -28.42 3.19
N ARG B 100 -23.57 -27.89 4.31
N ARG B 100 -23.57 -27.90 4.31
CA ARG B 100 -23.25 -26.56 4.85
CA ARG B 100 -23.24 -26.57 4.81
C ARG B 100 -21.78 -26.52 5.25
C ARG B 100 -21.79 -26.50 5.27
N LEU B 101 -21.29 -27.57 5.91
CA LEU B 101 -19.91 -27.67 6.37
C LEU B 101 -18.91 -27.74 5.21
N SER B 102 -19.26 -28.43 4.09
CA SER B 102 -18.40 -28.51 2.91
C SER B 102 -18.30 -27.17 2.19
N THR B 103 -19.41 -26.39 2.16
CA THR B 103 -19.46 -25.08 1.54
C THR B 103 -18.60 -24.08 2.34
N TYR B 104 -18.84 -24.02 3.66
CA TYR B 104 -18.16 -23.16 4.62
C TYR B 104 -16.64 -23.36 4.58
N ALA B 105 -16.20 -24.64 4.60
CA ALA B 105 -14.78 -25.04 4.57
C ALA B 105 -14.04 -24.39 3.43
N LEU B 106 -14.64 -24.32 2.23
CA LEU B 106 -13.91 -23.74 1.10
C LEU B 106 -13.70 -22.26 1.24
N TYR B 107 -14.73 -21.52 1.70
CA TYR B 107 -14.65 -20.06 1.88
C TYR B 107 -13.71 -19.65 3.01
N VAL B 108 -13.66 -20.45 4.09
CA VAL B 108 -12.76 -20.23 5.22
C VAL B 108 -11.29 -20.41 4.73
N ASN B 109 -10.98 -21.51 4.03
CA ASN B 109 -9.66 -21.79 3.48
C ASN B 109 -9.23 -20.69 2.52
N LEU B 110 -10.13 -20.27 1.61
CA LEU B 110 -9.84 -19.24 0.60
C LEU B 110 -9.50 -17.87 1.21
N TYR B 111 -10.34 -17.36 2.15
CA TYR B 111 -10.09 -16.06 2.77
C TYR B 111 -8.99 -16.10 3.86
N CYS B 112 -8.79 -17.26 4.52
CA CYS B 112 -7.68 -17.45 5.46
C CYS B 112 -6.34 -17.37 4.68
N SER B 113 -6.23 -18.10 3.53
CA SER B 113 -5.01 -18.12 2.69
C SER B 113 -4.63 -16.75 2.15
N ILE B 114 -5.63 -15.96 1.72
CA ILE B 114 -5.45 -14.57 1.23
C ILE B 114 -4.88 -13.72 2.37
N PHE B 115 -5.45 -13.82 3.60
CA PHE B 115 -4.99 -13.03 4.74
C PHE B 115 -3.60 -13.44 5.29
N PHE B 116 -3.27 -14.76 5.30
CA PHE B 116 -1.97 -15.26 5.76
C PHE B 116 -0.86 -14.85 4.79
N MET B 117 -1.13 -14.93 3.45
CA MET B 117 -0.17 -14.51 2.42
C MET B 117 0.11 -13.00 2.52
N THR B 118 -0.94 -12.16 2.79
CA THR B 118 -0.83 -10.71 2.97
C THR B 118 0.05 -10.37 4.20
N ALA B 119 -0.24 -11.03 5.34
CA ALA B 119 0.47 -10.86 6.61
C ALA B 119 1.94 -11.26 6.48
N MET B 120 2.22 -12.33 5.73
CA MET B 120 3.56 -12.85 5.46
C MET B 120 4.36 -11.84 4.63
N SER B 121 3.74 -11.30 3.56
CA SER B 121 4.34 -10.31 2.66
C SER B 121 4.64 -9.02 3.41
N PHE B 122 3.69 -8.55 4.24
CA PHE B 122 3.85 -7.33 5.04
C PHE B 122 5.05 -7.42 6.00
N PHE B 123 5.18 -8.59 6.67
CA PHE B 123 6.26 -8.87 7.62
C PHE B 123 7.63 -8.90 6.93
N ARG B 124 7.72 -9.63 5.79
CA ARG B 124 8.94 -9.72 4.99
C ARG B 124 9.37 -8.36 4.43
N CYS B 125 8.40 -7.48 4.11
CA CYS B 125 8.62 -6.12 3.61
C CYS B 125 9.36 -5.28 4.66
N ILE B 126 8.81 -5.22 5.90
CA ILE B 126 9.39 -4.48 7.03
C ILE B 126 10.78 -5.03 7.37
N ALA B 127 11.00 -6.35 7.21
CA ALA B 127 12.31 -6.99 7.40
C ALA B 127 13.33 -6.49 6.36
N ILE B 128 12.98 -6.51 5.03
CA ILE B 128 13.86 -6.10 3.91
C ILE B 128 14.10 -4.58 3.88
N VAL B 129 13.01 -3.78 3.83
CA VAL B 129 13.05 -2.32 3.72
C VAL B 129 13.68 -1.63 4.95
N PHE B 130 13.32 -2.08 6.17
CA PHE B 130 13.84 -1.52 7.42
C PHE B 130 14.67 -2.56 8.22
N PRO B 131 15.94 -2.89 7.84
CA PRO B 131 16.71 -3.89 8.59
C PRO B 131 17.19 -3.45 9.99
N VAL B 132 16.99 -2.15 10.32
CA VAL B 132 17.31 -1.54 11.60
C VAL B 132 16.10 -1.78 12.51
N GLN B 133 16.28 -2.64 13.54
CA GLN B 133 15.26 -3.07 14.52
C GLN B 133 14.18 -3.96 13.83
N ASN B 134 14.59 -4.67 12.75
CA ASN B 134 13.75 -5.60 11.97
C ASN B 134 13.38 -6.84 12.79
N ILE B 135 14.37 -7.40 13.53
CA ILE B 135 14.23 -8.59 14.37
C ILE B 135 13.36 -8.35 15.63
N ASN B 136 13.10 -7.06 15.98
CA ASN B 136 12.29 -6.65 17.14
C ASN B 136 10.88 -6.19 16.75
N LEU B 137 10.72 -5.68 15.49
CA LEU B 137 9.45 -5.19 14.94
C LEU B 137 8.60 -6.29 14.33
N VAL B 138 9.23 -7.22 13.59
CA VAL B 138 8.57 -8.36 12.94
C VAL B 138 9.02 -9.66 13.62
N THR B 139 8.40 -9.94 14.79
CA THR B 139 8.70 -11.09 15.65
C THR B 139 7.72 -12.26 15.47
N GLN B 140 8.16 -13.47 15.92
CA GLN B 140 7.37 -14.71 15.90
C GLN B 140 6.16 -14.57 16.83
N LYS B 141 6.27 -13.73 17.89
CA LYS B 141 5.21 -13.44 18.86
C LYS B 141 4.08 -12.65 18.18
N LYS B 142 4.46 -11.66 17.35
CA LYS B 142 3.53 -10.82 16.58
C LYS B 142 2.85 -11.63 15.48
N ALA B 143 3.56 -12.58 14.83
CA ALA B 143 3.00 -13.43 13.79
C ALA B 143 1.88 -14.31 14.36
N ARG B 144 2.10 -14.87 15.57
CA ARG B 144 1.13 -15.73 16.28
C ARG B 144 -0.16 -14.98 16.64
N PHE B 145 -0.05 -13.71 17.08
CA PHE B 145 -1.23 -12.94 17.48
C PHE B 145 -2.02 -12.38 16.28
N VAL B 146 -1.39 -12.24 15.11
CA VAL B 146 -2.04 -11.84 13.86
C VAL B 146 -2.86 -13.05 13.34
N CYS B 147 -2.25 -14.26 13.32
CA CYS B 147 -2.90 -15.48 12.83
C CYS B 147 -4.15 -15.85 13.58
N VAL B 148 -4.15 -15.72 14.91
CA VAL B 148 -5.32 -16.00 15.74
C VAL B 148 -6.45 -15.02 15.38
N GLY B 149 -6.08 -13.75 15.24
CA GLY B 149 -6.97 -12.68 14.79
C GLY B 149 -7.59 -12.96 13.44
N ILE B 150 -6.77 -13.48 12.48
CA ILE B 150 -7.19 -13.88 11.14
C ILE B 150 -8.21 -15.03 11.20
N TRP B 151 -7.92 -16.08 12.00
CA TRP B 151 -8.82 -17.23 12.18
C TRP B 151 -10.18 -16.81 12.75
N ILE B 152 -10.20 -16.00 13.83
CA ILE B 152 -11.45 -15.53 14.45
C ILE B 152 -12.28 -14.70 13.45
N PHE B 153 -11.66 -13.70 12.81
CA PHE B 153 -12.32 -12.84 11.83
C PHE B 153 -12.99 -13.63 10.68
N VAL B 154 -12.23 -14.53 10.00
CA VAL B 154 -12.69 -15.36 8.88
C VAL B 154 -13.80 -16.36 9.30
N ILE B 155 -13.60 -17.12 10.41
CA ILE B 155 -14.58 -18.07 10.97
C ILE B 155 -15.94 -17.39 11.23
N LEU B 156 -15.93 -16.15 11.78
CA LEU B 156 -17.15 -15.42 12.09
C LEU B 156 -17.85 -14.79 10.87
N THR B 157 -17.12 -14.04 10.04
CA THR B 157 -17.68 -13.37 8.86
C THR B 157 -18.17 -14.33 7.75
N SER B 158 -17.66 -15.59 7.72
CA SER B 158 -18.06 -16.63 6.76
C SER B 158 -19.21 -17.50 7.24
N SER B 159 -19.59 -17.39 8.55
CA SER B 159 -20.67 -18.19 9.19
C SER B 159 -22.01 -18.21 8.43
N PRO B 160 -22.50 -17.14 7.72
CA PRO B 160 -23.77 -17.29 6.99
C PRO B 160 -23.87 -18.52 6.06
N PHE B 161 -22.72 -19.09 5.63
CA PHE B 161 -22.67 -20.28 4.75
C PHE B 161 -23.01 -21.59 5.51
N LEU B 162 -22.94 -21.54 6.85
CA LEU B 162 -23.30 -22.63 7.77
C LEU B 162 -24.79 -22.64 8.14
N MET B 163 -25.44 -21.46 8.06
N MET B 163 -25.46 -21.47 8.05
CA MET B 163 -26.86 -21.29 8.40
CA MET B 163 -26.88 -21.33 8.41
C MET B 163 -27.76 -21.02 7.15
C MET B 163 -27.83 -21.20 7.17
N ALA B 164 -27.32 -21.55 5.99
CA ALA B 164 -28.07 -21.42 4.74
C ALA B 164 -29.13 -22.52 4.59
N LYS B 165 -30.26 -22.15 3.96
CA LYS B 165 -31.39 -23.03 3.69
C LYS B 165 -30.99 -24.23 2.81
N PRO B 166 -31.50 -25.46 3.09
CA PRO B 166 -31.12 -26.61 2.25
C PRO B 166 -31.54 -26.48 0.79
N GLN B 167 -30.75 -27.05 -0.11
CA GLN B 167 -31.02 -27.06 -1.55
C GLN B 167 -31.74 -28.34 -1.96
N LYS B 168 -32.83 -28.21 -2.72
CA LYS B 168 -33.61 -29.34 -3.24
C LYS B 168 -33.97 -29.05 -4.69
N ASP B 169 -33.85 -30.03 -5.59
CA ASP B 169 -34.19 -29.80 -7.00
C ASP B 169 -35.68 -30.04 -7.28
N GLU B 170 -36.10 -29.90 -8.57
CA GLU B 170 -37.47 -30.13 -9.08
C GLU B 170 -38.00 -31.52 -8.68
N LYS B 171 -37.10 -32.54 -8.71
CA LYS B 171 -37.37 -33.93 -8.36
C LYS B 171 -37.21 -34.23 -6.84
N ASN B 172 -37.23 -33.17 -5.98
CA ASN B 172 -37.12 -33.22 -4.51
C ASN B 172 -35.84 -33.93 -3.97
N ASN B 173 -34.73 -33.95 -4.77
CA ASN B 173 -33.44 -34.53 -4.37
C ASN B 173 -32.61 -33.49 -3.65
N THR B 174 -31.83 -33.90 -2.64
CA THR B 174 -30.96 -32.98 -1.89
C THR B 174 -29.75 -32.58 -2.76
N LYS B 175 -29.62 -31.27 -2.96
CA LYS B 175 -28.59 -30.65 -3.74
C LYS B 175 -27.60 -29.92 -2.83
N CYS B 176 -26.42 -29.57 -3.35
CA CYS B 176 -25.36 -28.86 -2.64
C CYS B 176 -24.55 -28.09 -3.66
N PHE B 177 -23.91 -26.98 -3.22
CA PHE B 177 -23.03 -26.12 -4.03
C PHE B 177 -23.73 -25.48 -5.25
N GLU B 178 -25.04 -25.17 -5.14
CA GLU B 178 -25.81 -24.54 -6.23
C GLU B 178 -25.55 -23.02 -6.38
N PRO B 179 -25.27 -22.52 -7.61
CA PRO B 179 -25.00 -21.07 -7.78
C PRO B 179 -26.27 -20.22 -7.63
N PRO B 180 -26.16 -18.93 -7.19
CA PRO B 180 -27.37 -18.10 -7.05
C PRO B 180 -28.20 -18.06 -8.33
N GLN B 181 -29.48 -18.42 -8.19
CA GLN B 181 -30.49 -18.57 -9.24
C GLN B 181 -31.28 -17.29 -9.52
N ASP B 182 -32.48 -17.40 -10.16
CA ASP B 182 -33.38 -16.26 -10.45
C ASP B 182 -33.76 -15.57 -9.12
N ASN B 183 -34.27 -16.37 -8.15
CA ASN B 183 -34.59 -15.92 -6.79
C ASN B 183 -33.30 -16.09 -5.94
N GLN B 184 -33.27 -15.55 -4.70
CA GLN B 184 -32.12 -15.59 -3.78
C GLN B 184 -30.82 -15.05 -4.45
N THR B 185 -30.95 -13.84 -5.05
CA THR B 185 -29.91 -13.08 -5.77
C THR B 185 -30.16 -11.60 -5.60
N LYS B 186 -30.93 -11.26 -4.56
CA LYS B 186 -31.37 -9.92 -4.13
C LYS B 186 -30.27 -8.83 -4.13
N ASN B 187 -30.70 -7.58 -3.90
CA ASN B 187 -29.81 -6.43 -3.83
C ASN B 187 -28.89 -6.53 -2.59
N HIS B 188 -29.41 -7.14 -1.51
CA HIS B 188 -28.70 -7.35 -0.23
C HIS B 188 -27.52 -8.31 -0.36
N VAL B 189 -27.63 -9.33 -1.26
CA VAL B 189 -26.55 -10.29 -1.53
C VAL B 189 -25.41 -9.58 -2.30
N LEU B 190 -25.78 -8.69 -3.23
CA LEU B 190 -24.88 -7.87 -4.05
C LEU B 190 -24.06 -6.89 -3.18
N VAL B 191 -24.64 -6.42 -2.07
CA VAL B 191 -23.95 -5.53 -1.12
C VAL B 191 -22.94 -6.36 -0.32
N LEU B 192 -23.28 -7.62 0.03
CA LEU B 192 -22.36 -8.52 0.75
C LEU B 192 -21.22 -8.98 -0.14
N HIS B 193 -21.50 -9.15 -1.44
CA HIS B 193 -20.51 -9.50 -2.45
C HIS B 193 -19.47 -8.40 -2.51
N TYR B 194 -19.90 -7.12 -2.55
CA TYR B 194 -18.97 -5.98 -2.65
C TYR B 194 -18.14 -5.75 -1.41
N VAL B 195 -18.70 -5.91 -0.20
CA VAL B 195 -17.94 -5.73 1.06
C VAL B 195 -16.86 -6.82 1.13
N SER B 196 -17.24 -8.08 0.78
CA SER B 196 -16.37 -9.28 0.73
C SER B 196 -15.24 -9.10 -0.30
N LEU B 197 -15.58 -8.57 -1.51
CA LEU B 197 -14.65 -8.30 -2.60
C LEU B 197 -13.58 -7.30 -2.18
N PHE B 198 -13.99 -6.23 -1.48
CA PHE B 198 -13.07 -5.19 -1.04
C PHE B 198 -12.21 -5.60 0.16
N VAL B 199 -12.84 -6.05 1.23
CA VAL B 199 -12.20 -6.43 2.49
C VAL B 199 -11.38 -7.71 2.35
N GLY B 200 -11.92 -8.69 1.60
CA GLY B 200 -11.32 -10.01 1.42
C GLY B 200 -10.42 -10.24 0.23
N PHE B 201 -10.44 -9.36 -0.77
CA PHE B 201 -9.59 -9.51 -1.97
C PHE B 201 -8.89 -8.21 -2.45
N ILE B 202 -9.62 -7.08 -2.68
CA ILE B 202 -9.03 -5.82 -3.18
C ILE B 202 -8.01 -5.23 -2.18
N ILE B 203 -8.40 -5.03 -0.90
CA ILE B 203 -7.48 -4.44 0.08
C ILE B 203 -6.25 -5.36 0.25
N PRO B 204 -6.38 -6.69 0.51
CA PRO B 204 -5.18 -7.54 0.63
C PRO B 204 -4.29 -7.51 -0.63
N PHE B 205 -4.89 -7.56 -1.84
CA PHE B 205 -4.13 -7.47 -3.10
C PHE B 205 -3.34 -6.14 -3.25
N VAL B 206 -3.96 -4.98 -2.92
CA VAL B 206 -3.31 -3.66 -3.00
C VAL B 206 -2.09 -3.61 -2.05
N ILE B 207 -2.23 -4.09 -0.78
CA ILE B 207 -1.14 -4.17 0.21
C ILE B 207 0.05 -4.97 -0.36
N ILE B 208 -0.23 -6.12 -1.07
CA ILE B 208 0.74 -6.98 -1.76
C ILE B 208 1.42 -6.17 -2.87
N ILE B 209 0.63 -5.53 -3.78
CA ILE B 209 1.20 -4.71 -4.88
C ILE B 209 2.23 -3.69 -4.30
N VAL B 210 1.82 -2.89 -3.29
CA VAL B 210 2.65 -1.87 -2.64
C VAL B 210 3.90 -2.47 -1.96
N CYS B 211 3.73 -3.48 -1.07
CA CYS B 211 4.85 -4.17 -0.39
C CYS B 211 5.86 -4.73 -1.38
N TYR B 212 5.38 -5.39 -2.43
CA TYR B 212 6.28 -5.98 -3.43
C TYR B 212 7.00 -4.93 -4.26
N THR B 213 6.38 -3.76 -4.46
CA THR B 213 7.00 -2.63 -5.16
C THR B 213 8.19 -2.15 -4.32
N MET B 214 7.99 -1.96 -3.00
CA MET B 214 9.02 -1.53 -2.05
C MET B 214 10.18 -2.49 -1.93
N ILE B 215 9.91 -3.82 -1.90
CA ILE B 215 10.92 -4.89 -1.82
C ILE B 215 11.79 -4.88 -3.08
N ILE B 216 11.16 -4.88 -4.27
CA ILE B 216 11.86 -4.88 -5.55
C ILE B 216 12.77 -3.64 -5.71
N LEU B 217 12.30 -2.42 -5.33
CA LEU B 217 13.09 -1.18 -5.41
C LEU B 217 14.26 -1.20 -4.45
N THR B 218 14.07 -1.75 -3.23
CA THR B 218 15.12 -1.93 -2.21
C THR B 218 16.18 -2.90 -2.72
N LEU B 219 15.73 -4.03 -3.33
CA LEU B 219 16.61 -5.06 -3.87
C LEU B 219 17.48 -4.56 -5.04
N LEU B 220 16.98 -3.59 -5.83
CA LEU B 220 17.70 -2.97 -6.94
C LEU B 220 18.78 -2.05 -6.42
N LYS B 221 18.43 -1.19 -5.41
CA LYS B 221 19.34 -0.24 -4.76
C LYS B 221 20.55 -0.98 -4.19
N LYS B 222 20.31 -2.12 -3.50
CA LYS B 222 21.35 -2.95 -2.91
C LYS B 222 22.15 -3.73 -3.98
N SER B 223 21.48 -4.10 -5.09
CA SER B 223 22.10 -4.84 -6.21
C SER B 223 23.03 -3.95 -7.04
N MET B 224 22.67 -2.66 -7.20
CA MET B 224 23.45 -1.68 -7.94
C MET B 224 24.68 -1.24 -7.15
N LYS B 225 24.54 -1.06 -5.83
CA LYS B 225 25.63 -0.67 -4.93
C LYS B 225 26.70 -1.78 -4.88
N SER B 226 26.27 -3.07 -4.92
CA SER B 226 27.18 -4.23 -4.91
C SER B 226 27.89 -4.43 -6.26
N ALA B 227 27.39 -3.78 -7.33
CA ALA B 227 28.01 -3.84 -8.67
C ALA B 227 29.18 -2.85 -8.71
N ASP B 228 29.05 -1.71 -8.00
CA ASP B 228 30.08 -0.68 -7.87
C ASP B 228 31.23 -1.22 -7.03
N LEU B 229 30.91 -1.98 -5.96
CA LEU B 229 31.86 -2.64 -5.05
C LEU B 229 32.61 -3.73 -5.81
N GLU B 230 31.94 -4.35 -6.80
CA GLU B 230 32.48 -5.37 -7.69
C GLU B 230 33.34 -4.70 -8.77
N ASP B 231 33.02 -3.43 -9.12
CA ASP B 231 33.73 -2.61 -10.12
C ASP B 231 35.03 -2.03 -9.57
N ASN B 232 35.01 -1.62 -8.27
CA ASN B 232 36.16 -1.05 -7.57
C ASN B 232 37.16 -2.12 -7.14
N TRP B 233 36.68 -3.36 -6.95
CA TRP B 233 37.52 -4.52 -6.63
C TRP B 233 38.17 -5.03 -7.93
N GLU B 234 37.48 -4.85 -9.08
CA GLU B 234 37.95 -5.25 -10.40
C GLU B 234 39.11 -4.35 -10.86
N THR B 235 39.01 -3.01 -10.64
CA THR B 235 40.04 -2.04 -11.00
C THR B 235 41.32 -2.20 -10.18
N LEU B 236 41.19 -2.45 -8.86
CA LEU B 236 42.32 -2.68 -7.96
C LEU B 236 43.17 -3.87 -8.43
N ASN B 237 42.51 -5.01 -8.75
CA ASN B 237 43.15 -6.22 -9.24
C ASN B 237 43.76 -6.05 -10.63
N ASP B 238 43.07 -5.31 -11.54
CA ASP B 238 43.54 -5.07 -12.91
C ASP B 238 44.77 -4.18 -12.96
N ASN B 239 44.81 -3.07 -12.17
CA ASN B 239 45.96 -2.16 -12.12
C ASN B 239 47.18 -2.79 -11.43
N LEU B 240 46.95 -3.81 -10.58
CA LEU B 240 48.01 -4.59 -9.90
C LEU B 240 48.76 -5.41 -10.96
N LYS B 241 48.02 -5.89 -11.98
CA LYS B 241 48.55 -6.64 -13.13
C LYS B 241 49.17 -5.66 -14.15
N VAL B 242 48.75 -4.37 -14.13
CA VAL B 242 49.28 -3.31 -15.01
C VAL B 242 50.69 -2.91 -14.56
N ILE B 243 51.01 -3.12 -13.25
CA ILE B 243 52.31 -2.84 -12.66
C ILE B 243 53.37 -3.82 -13.18
N GLU B 244 53.08 -5.15 -13.10
CA GLU B 244 53.96 -6.22 -13.56
C GLU B 244 53.97 -6.32 -15.08
N ASP B 247 56.95 -1.43 -17.96
CA ASP B 247 58.28 -1.12 -18.49
C ASP B 247 58.70 0.30 -18.12
N ASN B 248 57.79 1.29 -18.31
CA ASN B 248 58.04 2.70 -18.02
C ASN B 248 57.72 3.07 -16.57
N ALA B 249 58.48 4.03 -16.02
CA ALA B 249 58.32 4.54 -14.66
C ALA B 249 57.07 5.39 -14.54
N ALA B 250 56.69 6.10 -15.64
CA ALA B 250 55.49 6.94 -15.70
C ALA B 250 54.21 6.08 -15.82
N GLN B 251 54.35 4.87 -16.40
CA GLN B 251 53.25 3.91 -16.57
C GLN B 251 52.89 3.26 -15.21
N VAL B 252 53.90 3.03 -14.33
CA VAL B 252 53.71 2.52 -12.96
C VAL B 252 53.07 3.60 -12.07
N LYS B 253 53.19 4.90 -12.47
CA LYS B 253 52.61 6.03 -11.78
C LYS B 253 51.14 6.18 -12.18
N ASP B 254 50.79 5.77 -13.43
CA ASP B 254 49.44 5.81 -13.97
C ASP B 254 48.52 4.79 -13.28
N ALA B 255 49.03 3.55 -13.07
CA ALA B 255 48.31 2.47 -12.38
C ALA B 255 48.07 2.82 -10.92
N LEU B 256 48.99 3.61 -10.31
CA LEU B 256 48.93 4.08 -8.92
C LEU B 256 47.81 5.11 -8.70
N THR B 257 47.75 6.15 -9.54
CA THR B 257 46.74 7.23 -9.49
C THR B 257 45.30 6.71 -9.76
N LYS B 258 45.18 5.58 -10.51
CA LYS B 258 43.92 4.92 -10.85
C LYS B 258 43.41 4.04 -9.70
N MET B 259 44.35 3.31 -9.04
CA MET B 259 44.12 2.43 -7.90
C MET B 259 43.58 3.18 -6.69
N ARG B 260 44.18 4.37 -6.38
CA ARG B 260 43.81 5.23 -5.24
C ARG B 260 42.40 5.79 -5.39
N ALA B 261 41.97 5.99 -6.65
CA ALA B 261 40.64 6.45 -7.03
C ALA B 261 39.62 5.34 -6.78
N ALA B 262 39.95 4.10 -7.18
CA ALA B 262 39.11 2.90 -7.00
C ALA B 262 39.04 2.44 -5.55
N ALA B 263 40.16 2.49 -4.81
CA ALA B 263 40.24 2.07 -3.41
C ALA B 263 39.43 2.94 -2.45
N LEU B 264 39.39 4.27 -2.70
CA LEU B 264 38.64 5.21 -1.88
C LEU B 264 37.14 5.08 -2.12
N ASP B 265 36.75 4.66 -3.33
CA ASP B 265 35.36 4.48 -3.75
C ASP B 265 34.71 3.24 -3.12
N ALA B 266 35.46 2.13 -3.03
CA ALA B 266 34.99 0.86 -2.45
C ALA B 266 34.75 0.95 -0.93
N GLN B 267 35.36 1.94 -0.26
CA GLN B 267 35.27 2.17 1.17
C GLN B 267 33.89 2.71 1.57
N LYS B 268 33.31 3.62 0.74
CA LYS B 268 31.99 4.22 0.95
C LYS B 268 30.87 3.18 0.81
N ALA B 269 31.07 2.19 -0.09
CA ALA B 269 30.11 1.13 -0.36
C ALA B 269 30.06 0.06 0.73
N THR B 270 28.88 -0.58 0.89
CA THR B 270 28.62 -1.63 1.88
C THR B 270 28.67 -3.02 1.23
N PRO B 271 29.47 -3.97 1.75
CA PRO B 271 29.53 -5.31 1.14
C PRO B 271 28.30 -6.19 1.46
N PRO B 272 27.98 -7.24 0.65
CA PRO B 272 26.81 -8.09 0.97
C PRO B 272 26.95 -8.87 2.27
N LYS B 273 28.18 -9.31 2.62
CA LYS B 273 28.48 -10.04 3.86
C LYS B 273 28.25 -9.14 5.09
N LEU B 274 28.60 -7.84 4.98
CA LEU B 274 28.41 -6.85 6.04
C LEU B 274 27.27 -5.86 5.69
N GLU B 275 26.14 -6.40 5.17
CA GLU B 275 24.95 -5.61 4.81
C GLU B 275 24.07 -5.38 6.05
N ASP B 276 24.25 -6.24 7.08
CA ASP B 276 23.54 -6.19 8.37
C ASP B 276 24.43 -5.56 9.44
N ASP B 280 28.24 1.75 12.09
CA ASP B 280 29.14 2.05 13.20
C ASP B 280 29.64 0.78 13.93
N SER B 281 29.27 -0.42 13.41
CA SER B 281 29.64 -1.71 14.00
C SER B 281 31.16 -1.98 13.88
N PRO B 282 31.79 -2.72 14.84
CA PRO B 282 33.23 -3.00 14.70
C PRO B 282 33.57 -3.90 13.51
N GLU B 283 32.55 -4.60 12.95
CA GLU B 283 32.67 -5.44 11.75
C GLU B 283 32.79 -4.51 10.53
N MET B 284 32.12 -3.34 10.59
CA MET B 284 32.16 -2.29 9.56
C MET B 284 33.43 -1.41 9.69
N LYS B 285 33.85 -1.12 10.95
CA LYS B 285 35.05 -0.31 11.25
C LYS B 285 36.36 -1.06 10.91
N ASP B 286 36.30 -2.39 10.80
CA ASP B 286 37.41 -3.27 10.41
C ASP B 286 37.53 -3.30 8.88
N PHE B 287 36.37 -3.27 8.18
CA PHE B 287 36.30 -3.23 6.71
C PHE B 287 36.75 -1.85 6.22
N ARG B 288 36.37 -0.78 6.96
CA ARG B 288 36.74 0.62 6.69
C ARG B 288 38.27 0.79 6.78
N HIS B 289 38.90 0.10 7.74
CA HIS B 289 40.35 0.09 7.94
C HIS B 289 41.08 -0.73 6.87
N GLY B 290 40.41 -1.77 6.35
CA GLY B 290 40.92 -2.65 5.30
C GLY B 290 41.31 -1.94 4.02
N PHE B 291 40.62 -0.82 3.73
CA PHE B 291 40.85 0.05 2.58
C PHE B 291 41.72 1.24 3.00
N ASP B 292 41.47 1.79 4.22
CA ASP B 292 42.19 2.92 4.83
C ASP B 292 43.69 2.62 4.95
N ILE B 293 44.03 1.35 5.30
CA ILE B 293 45.41 0.88 5.41
C ILE B 293 46.04 0.76 4.02
N LEU B 294 45.24 0.38 2.99
CA LEU B 294 45.71 0.25 1.60
C LEU B 294 45.92 1.62 0.93
N VAL B 295 45.12 2.64 1.32
CA VAL B 295 45.23 4.02 0.80
C VAL B 295 46.56 4.64 1.29
N GLY B 296 46.92 4.32 2.53
CA GLY B 296 48.19 4.74 3.13
C GLY B 296 49.38 4.10 2.45
N GLN B 297 49.27 2.78 2.15
CA GLN B 297 50.28 1.99 1.46
C GLN B 297 50.41 2.41 -0.02
N ILE B 298 49.31 2.94 -0.60
CA ILE B 298 49.27 3.43 -1.97
C ILE B 298 50.09 4.72 -2.11
N ASP B 299 49.87 5.68 -1.19
CA ASP B 299 50.58 6.98 -1.12
C ASP B 299 52.08 6.80 -0.86
N ASP B 300 52.45 5.74 -0.09
CA ASP B 300 53.84 5.40 0.23
C ASP B 300 54.58 4.96 -1.03
N ALA B 301 53.91 4.17 -1.90
CA ALA B 301 54.45 3.68 -3.17
C ALA B 301 54.49 4.83 -4.19
N LEU B 302 53.61 5.85 -4.03
CA LEU B 302 53.55 7.03 -4.90
C LEU B 302 54.77 7.94 -4.66
N LYS B 303 55.17 8.09 -3.38
CA LYS B 303 56.34 8.86 -2.95
C LYS B 303 57.62 8.24 -3.54
N LEU B 304 57.67 6.89 -3.64
CA LEU B 304 58.79 6.14 -4.21
C LEU B 304 58.87 6.24 -5.74
N ALA B 305 57.72 6.24 -6.43
CA ALA B 305 57.63 6.39 -7.89
C ALA B 305 58.16 7.77 -8.32
N ASN B 306 57.79 8.83 -7.55
CA ASN B 306 58.18 10.24 -7.74
C ASN B 306 59.71 10.48 -7.58
N GLU B 307 60.36 9.75 -6.65
CA GLU B 307 61.79 9.87 -6.39
C GLU B 307 62.61 8.92 -7.28
N GLY B 308 62.03 8.58 -8.45
CA GLY B 308 62.64 7.70 -9.46
C GLY B 308 63.06 6.32 -8.99
N LYS B 309 62.43 5.83 -7.91
CA LYS B 309 62.65 4.48 -7.37
C LYS B 309 61.50 3.64 -7.96
N VAL B 310 61.65 3.24 -9.25
CA VAL B 310 60.65 2.47 -10.01
C VAL B 310 60.47 1.04 -9.48
N LYS B 311 61.59 0.28 -9.33
CA LYS B 311 61.57 -1.11 -8.84
C LYS B 311 61.18 -1.22 -7.35
N GLU B 312 61.45 -0.15 -6.56
CA GLU B 312 61.11 -0.05 -5.13
C GLU B 312 59.67 0.44 -4.92
N ALA B 313 59.08 1.08 -5.94
CA ALA B 313 57.67 1.49 -5.90
C ALA B 313 56.85 0.29 -6.40
N GLN B 314 57.46 -0.56 -7.27
CA GLN B 314 56.89 -1.78 -7.84
C GLN B 314 56.90 -2.89 -6.78
N ALA B 315 57.95 -2.95 -5.93
CA ALA B 315 58.09 -3.92 -4.83
C ALA B 315 57.09 -3.63 -3.70
N ALA B 316 56.50 -2.42 -3.70
CA ALA B 316 55.50 -1.98 -2.73
C ALA B 316 54.11 -2.52 -3.14
N ALA B 317 53.98 -3.08 -4.37
CA ALA B 317 52.75 -3.68 -4.89
C ALA B 317 52.39 -4.98 -4.19
N GLU B 318 53.41 -5.80 -3.84
CA GLU B 318 53.21 -7.07 -3.13
C GLU B 318 52.93 -6.86 -1.62
N GLN B 319 53.20 -5.63 -1.12
CA GLN B 319 52.95 -5.24 0.27
C GLN B 319 51.49 -4.83 0.47
N LEU B 320 50.90 -4.09 -0.51
CA LEU B 320 49.50 -3.67 -0.51
C LEU B 320 48.55 -4.82 -0.90
N LYS B 321 49.09 -5.85 -1.61
CA LYS B 321 48.35 -7.05 -2.01
C LYS B 321 48.10 -7.97 -0.80
N THR B 322 48.92 -7.81 0.26
CA THR B 322 48.80 -8.55 1.52
C THR B 322 47.61 -8.02 2.34
N THR B 323 47.35 -6.68 2.28
CA THR B 323 46.25 -5.98 2.95
C THR B 323 44.92 -6.44 2.33
N ARG B 324 44.87 -6.62 1.00
CA ARG B 324 43.68 -7.04 0.25
C ARG B 324 43.28 -8.49 0.57
N ASN B 325 44.22 -9.42 0.54
CA ASN B 325 43.80 -10.80 0.91
C ASN B 325 43.46 -10.90 2.41
N ALA B 326 44.28 -10.28 3.27
CA ALA B 326 44.14 -10.36 4.74
C ALA B 326 42.91 -9.65 5.35
N TYR B 327 42.57 -8.42 4.96
CA TYR B 327 41.46 -7.71 5.65
C TYR B 327 40.23 -7.46 4.78
N ILE B 328 40.39 -7.44 3.46
CA ILE B 328 39.28 -7.15 2.54
C ILE B 328 38.75 -8.36 1.75
N GLN B 329 39.55 -9.44 1.59
CA GLN B 329 39.18 -10.64 0.84
C GLN B 329 37.93 -11.36 1.39
N LYS B 330 37.75 -11.36 2.73
CA LYS B 330 36.61 -12.01 3.39
C LYS B 330 35.27 -11.32 3.11
N TYR B 331 35.25 -9.97 3.16
CA TYR B 331 34.05 -9.15 2.91
C TYR B 331 33.59 -9.16 1.45
N LEU B 332 34.53 -9.38 0.50
CA LEU B 332 34.25 -9.42 -0.94
C LEU B 332 34.86 -10.66 -1.58
N ASN B 336 25.92 -12.96 -3.24
CA ASN B 336 25.39 -14.31 -2.98
C ASN B 336 24.46 -14.37 -1.73
N LEU B 337 23.79 -13.24 -1.39
CA LEU B 337 22.90 -13.14 -0.23
C LEU B 337 21.61 -13.94 -0.43
N SER B 338 21.30 -14.81 0.55
CA SER B 338 20.14 -15.72 0.54
C SER B 338 18.81 -15.05 0.89
N SER B 339 18.82 -14.08 1.84
CA SER B 339 17.63 -13.31 2.29
C SER B 339 16.92 -12.63 1.13
N HIS B 340 17.68 -12.38 0.04
CA HIS B 340 17.32 -11.79 -1.24
C HIS B 340 16.62 -12.81 -2.15
N LYS B 341 17.08 -14.08 -2.12
CA LYS B 341 16.55 -15.20 -2.92
C LYS B 341 15.20 -15.72 -2.36
N LYS B 342 15.03 -15.72 -1.01
CA LYS B 342 13.79 -16.15 -0.33
C LYS B 342 12.67 -15.10 -0.50
N ALA B 343 13.04 -13.81 -0.63
CA ALA B 343 12.10 -12.71 -0.89
C ALA B 343 11.59 -12.79 -2.33
N ILE B 344 12.49 -13.08 -3.32
CA ILE B 344 12.13 -13.24 -4.74
C ILE B 344 11.23 -14.47 -4.92
N GLY B 345 11.53 -15.56 -4.21
CA GLY B 345 10.75 -16.80 -4.25
C GLY B 345 9.30 -16.61 -3.82
N MET B 346 9.12 -15.90 -2.70
CA MET B 346 7.82 -15.53 -2.12
C MET B 346 7.01 -14.68 -3.10
N ILE B 347 7.65 -13.61 -3.68
CA ILE B 347 7.04 -12.70 -4.66
C ILE B 347 6.44 -13.49 -5.83
N MET B 348 7.21 -14.40 -6.42
CA MET B 348 6.77 -15.20 -7.56
C MET B 348 5.62 -16.16 -7.26
N VAL B 349 5.67 -16.90 -6.13
CA VAL B 349 4.61 -17.87 -5.78
C VAL B 349 3.28 -17.16 -5.38
N VAL B 350 3.35 -16.16 -4.49
CA VAL B 350 2.20 -15.38 -3.99
C VAL B 350 1.48 -14.60 -5.11
N THR B 351 2.25 -13.98 -6.05
CA THR B 351 1.73 -13.25 -7.20
C THR B 351 0.95 -14.20 -8.12
N ALA B 352 1.48 -15.42 -8.33
CA ALA B 352 0.85 -16.48 -9.15
C ALA B 352 -0.42 -16.98 -8.45
N ALA B 353 -0.39 -17.20 -7.10
CA ALA B 353 -1.56 -17.59 -6.31
C ALA B 353 -2.66 -16.52 -6.46
N PHE B 354 -2.29 -15.21 -6.44
CA PHE B 354 -3.27 -14.12 -6.61
C PHE B 354 -3.84 -13.98 -8.05
N LEU B 355 -2.99 -14.14 -9.08
CA LEU B 355 -3.45 -14.02 -10.47
C LEU B 355 -4.22 -15.24 -10.98
N VAL B 356 -3.74 -16.45 -10.66
CA VAL B 356 -4.29 -17.73 -11.10
C VAL B 356 -5.43 -18.24 -10.25
N SER B 357 -5.25 -18.23 -8.93
CA SER B 357 -6.21 -18.84 -8.01
C SER B 357 -7.27 -17.88 -7.41
N PHE B 358 -6.82 -16.76 -6.83
CA PHE B 358 -7.70 -15.84 -6.10
C PHE B 358 -8.50 -14.92 -7.00
N MET B 359 -7.88 -14.29 -8.03
CA MET B 359 -8.50 -13.27 -8.90
C MET B 359 -9.60 -13.75 -9.88
N PRO B 360 -9.48 -14.84 -10.67
CA PRO B 360 -10.58 -15.18 -11.58
C PRO B 360 -11.93 -15.37 -10.89
N TYR B 361 -11.95 -16.05 -9.69
CA TYR B 361 -13.15 -16.27 -8.90
C TYR B 361 -13.84 -14.96 -8.53
N HIS B 362 -13.08 -13.97 -8.04
CA HIS B 362 -13.61 -12.65 -7.64
C HIS B 362 -14.11 -11.80 -8.82
N ILE B 363 -13.53 -11.96 -10.02
CA ILE B 363 -13.99 -11.25 -11.21
C ILE B 363 -15.28 -11.92 -11.67
N GLN B 364 -15.30 -13.26 -11.72
CA GLN B 364 -16.42 -14.08 -12.16
C GLN B 364 -17.67 -13.90 -11.29
N ARG B 365 -17.51 -13.84 -9.95
CA ARG B 365 -18.57 -13.62 -8.97
C ARG B 365 -19.23 -12.26 -9.18
N THR B 366 -18.45 -11.20 -9.54
CA THR B 366 -18.97 -9.85 -9.84
C THR B 366 -19.84 -9.94 -11.11
N ILE B 367 -19.27 -10.49 -12.21
CA ILE B 367 -19.94 -10.70 -13.49
C ILE B 367 -21.23 -11.53 -13.31
N HIS B 368 -21.13 -12.70 -12.66
CA HIS B 368 -22.25 -13.63 -12.42
C HIS B 368 -23.43 -13.02 -11.69
N LEU B 369 -23.17 -12.36 -10.54
CA LEU B 369 -24.21 -11.74 -9.71
C LEU B 369 -24.96 -10.62 -10.43
N HIS B 370 -24.25 -9.82 -11.26
CA HIS B 370 -24.87 -8.76 -12.05
C HIS B 370 -25.66 -9.31 -13.24
N PHE B 371 -25.19 -10.45 -13.83
CA PHE B 371 -25.83 -11.15 -14.96
C PHE B 371 -27.24 -11.59 -14.60
N LEU B 372 -27.46 -11.96 -13.32
CA LEU B 372 -28.75 -12.41 -12.78
C LEU B 372 -29.80 -11.29 -12.63
N HIS B 373 -29.34 -10.04 -12.59
CA HIS B 373 -30.18 -8.86 -12.52
C HIS B 373 -30.63 -8.38 -13.91
N ASN B 374 -29.93 -8.83 -14.99
CA ASN B 374 -30.21 -8.48 -16.39
C ASN B 374 -31.49 -9.13 -16.89
N LYS B 377 -31.84 -13.25 -20.95
CA LYS B 377 -30.92 -14.32 -20.59
C LYS B 377 -30.92 -15.48 -21.64
N PRO B 378 -30.16 -15.34 -22.75
CA PRO B 378 -30.12 -16.44 -23.74
C PRO B 378 -29.32 -17.65 -23.27
N CYS B 379 -29.66 -18.86 -23.77
CA CYS B 379 -28.98 -20.12 -23.40
C CYS B 379 -27.49 -20.13 -23.73
N ASP B 380 -27.09 -19.48 -24.85
CA ASP B 380 -25.70 -19.38 -25.31
C ASP B 380 -24.82 -18.54 -24.36
N SER B 381 -25.46 -17.69 -23.52
CA SER B 381 -24.79 -16.85 -22.52
C SER B 381 -24.84 -17.53 -21.16
N VAL B 382 -25.98 -18.15 -20.80
CA VAL B 382 -26.18 -18.88 -19.54
C VAL B 382 -25.25 -20.11 -19.45
N LEU B 383 -24.94 -20.75 -20.61
CA LEU B 383 -24.03 -21.90 -20.69
C LEU B 383 -22.58 -21.48 -20.36
N ARG B 384 -22.06 -20.45 -21.07
CA ARG B 384 -20.71 -19.90 -20.90
C ARG B 384 -20.49 -19.30 -19.49
N MET B 385 -21.58 -18.84 -18.82
CA MET B 385 -21.59 -18.29 -17.46
C MET B 385 -21.41 -19.42 -16.45
N GLN B 386 -22.16 -20.51 -16.65
CA GLN B 386 -22.14 -21.69 -15.79
C GLN B 386 -20.84 -22.49 -15.92
N LYS B 387 -20.24 -22.53 -17.13
CA LYS B 387 -18.95 -23.20 -17.35
C LYS B 387 -17.86 -22.43 -16.60
N SER B 388 -17.94 -21.08 -16.61
CA SER B 388 -16.99 -20.21 -15.91
C SER B 388 -17.03 -20.36 -14.39
N VAL B 389 -18.23 -20.64 -13.79
CA VAL B 389 -18.41 -20.88 -12.35
C VAL B 389 -17.62 -22.15 -11.99
N VAL B 390 -17.70 -23.22 -12.84
CA VAL B 390 -17.00 -24.51 -12.68
C VAL B 390 -15.48 -24.28 -12.64
N ILE B 391 -14.96 -23.57 -13.64
CA ILE B 391 -13.54 -23.32 -13.81
C ILE B 391 -12.97 -22.38 -12.73
N THR B 392 -13.64 -21.20 -12.47
CA THR B 392 -13.13 -20.21 -11.51
C THR B 392 -13.16 -20.72 -10.05
N LEU B 393 -14.13 -21.58 -9.70
CA LEU B 393 -14.22 -22.19 -8.36
C LEU B 393 -13.16 -23.29 -8.16
N SER B 394 -12.84 -24.06 -9.24
CA SER B 394 -11.80 -25.09 -9.25
C SER B 394 -10.45 -24.43 -9.06
N LEU B 395 -10.25 -23.26 -9.73
CA LEU B 395 -9.02 -22.46 -9.64
C LEU B 395 -8.86 -21.89 -8.24
N ALA B 396 -9.97 -21.41 -7.61
CA ALA B 396 -10.00 -20.89 -6.24
C ALA B 396 -9.61 -21.99 -5.27
N ALA B 397 -10.23 -23.19 -5.41
CA ALA B 397 -9.94 -24.40 -4.59
C ALA B 397 -8.50 -24.95 -4.75
N SER B 398 -7.87 -24.73 -5.91
CA SER B 398 -6.48 -25.15 -6.20
C SER B 398 -5.40 -24.32 -5.46
N ASN B 399 -5.81 -23.36 -4.60
CA ASN B 399 -4.90 -22.50 -3.85
C ASN B 399 -3.96 -23.30 -2.92
N CYS B 400 -4.45 -24.44 -2.38
CA CYS B 400 -3.71 -25.35 -1.49
C CYS B 400 -2.48 -25.99 -2.17
N CYS B 401 -2.49 -26.05 -3.52
CA CYS B 401 -1.39 -26.58 -4.32
C CYS B 401 -0.20 -25.62 -4.39
N PHE B 402 -0.43 -24.30 -4.22
CA PHE B 402 0.61 -23.28 -4.28
C PHE B 402 1.44 -23.19 -2.99
N ASP B 403 0.86 -23.54 -1.83
CA ASP B 403 1.53 -23.39 -0.53
C ASP B 403 2.74 -24.33 -0.35
N PRO B 404 2.74 -25.62 -0.77
CA PRO B 404 4.01 -26.38 -0.72
C PRO B 404 5.12 -25.72 -1.56
N LEU B 405 4.77 -25.12 -2.73
CA LEU B 405 5.72 -24.42 -3.61
C LEU B 405 6.29 -23.16 -2.94
N LEU B 406 5.49 -22.48 -2.10
CA LEU B 406 5.92 -21.31 -1.34
C LEU B 406 7.01 -21.73 -0.34
N TYR B 407 6.86 -22.92 0.27
CA TYR B 407 7.85 -23.45 1.22
C TYR B 407 9.19 -23.84 0.52
N PHE B 408 9.13 -24.38 -0.70
CA PHE B 408 10.33 -24.81 -1.44
C PHE B 408 11.13 -23.65 -2.08
N PHE B 409 10.49 -22.49 -2.38
CA PHE B 409 11.15 -21.33 -2.96
C PHE B 409 11.49 -20.21 -1.95
N SER B 410 10.80 -20.14 -0.80
CA SER B 410 11.09 -19.16 0.27
C SER B 410 11.38 -19.86 1.59
N GLY B 411 12.14 -19.20 2.46
CA GLY B 411 12.52 -19.69 3.79
C GLY B 411 13.25 -21.04 3.83
C11 ZLK C . -9.90 7.09 -20.93
C01 ZLK C . -10.85 10.10 -17.66
C03 ZLK C . -12.60 8.75 -18.78
C04 ZLK C . -13.05 7.55 -19.47
C05 ZLK C . -12.11 6.35 -19.77
C06 ZLK C . -11.26 6.71 -20.97
C07 ZLK C . -11.66 6.68 -22.31
C09 ZLK C . -10.61 7.10 -24.53
C10 ZLK C . -9.51 7.27 -22.25
C12 ZLK C . -8.97 7.30 -19.85
C13 ZLK C . -7.69 7.71 -20.15
C15 ZLK C . -6.90 8.12 -17.69
C18 ZLK C . -5.82 8.87 -15.67
C19 ZLK C . -5.80 7.64 -14.54
C20 ZLK C . -4.47 7.37 -14.35
C21 ZLK C . -3.70 8.76 -14.61
C22 ZLK C . -4.73 9.68 -15.43
C23 ZLK C . -7.27 7.88 -21.50
C24 ZLK C . -8.17 7.67 -22.55
C25 ZLK C . -14.42 7.38 -19.86
C26 ZLK C . -15.35 8.41 -19.56
C27 ZLK C . -14.89 9.61 -18.92
C28 ZLK C . -13.55 9.78 -18.52
C29 ZLK C . -15.92 10.71 -18.53
C35 ZLK C . -19.00 11.56 -17.40
C36 ZLK C . -18.97 12.50 -16.35
C37 ZLK C . -19.57 12.16 -15.12
C38 ZLK C . -20.16 10.91 -14.94
C39 ZLK C . -20.19 9.98 -15.98
C40 ZLK C . -19.61 10.32 -17.23
C41 ZLK C . -19.66 9.26 -18.40
N08 ZLK C . -10.60 7.02 -23.05
N14 ZLK C . -6.68 7.87 -19.12
N31 ZLK C . -17.09 10.86 -19.38
O02 ZLK C . -11.26 8.94 -18.38
O16 ZLK C . -7.99 8.19 -17.23
O17 ZLK C . -5.71 8.26 -16.92
O30 ZLK C . -15.80 11.37 -17.57
O33 ZLK C . -19.26 12.09 -20.03
O34 ZLK C . -17.67 13.35 -18.99
S32 ZLK C . -18.26 12.01 -18.97
C10 OLC D . 5.31 8.28 -10.13
C9 OLC D . 6.49 8.28 -9.52
C11 OLC D . 4.03 7.71 -9.53
C8 OLC D . 6.76 7.70 -8.13
C12 OLC D . 2.92 7.79 -10.59
C7 OLC D . 8.25 7.83 -7.81
C13 OLC D . 2.73 6.40 -11.23
C6 OLC D . 8.80 6.50 -7.31
C5 OLC D . 10.26 6.68 -6.92
C10 OLC E . 4.02 4.78 -20.25
C9 OLC E . 3.71 3.53 -20.52
C17 OLC E . 7.19 8.12 -13.99
C11 OLC E . 3.28 5.75 -19.31
C8 OLC E . 2.50 2.78 -19.96
C16 OLC E . 7.16 8.16 -15.53
C12 OLC E . 3.98 7.12 -19.24
C7 OLC E . 1.51 2.48 -21.09
C15 OLC E . 6.15 7.14 -16.08
C13 OLC E . 5.30 7.05 -18.46
C6 OLC E . 0.31 1.73 -20.51
C14 OLC E . 5.24 7.80 -17.13
C5 OLC E . -0.96 2.12 -21.28
C4 OLC E . -1.59 0.87 -21.90
C3 OLC E . -2.81 0.39 -21.10
C2 OLC E . -2.93 -1.13 -21.19
C1 OLC E . -4.34 -1.53 -20.75
C10 OLC F . -12.36 27.09 0.23
C9 OLC F . -11.75 28.26 0.06
C11 OLC F . -13.72 26.91 0.92
C8 OLC F . -12.32 29.60 0.52
C12 OLC F . -14.55 25.94 0.08
C7 OLC F . -12.09 30.67 -0.55
C13 OLC F . -16.03 26.00 0.45
C6 OLC F . -12.12 32.07 0.05
C14 OLC F . -16.74 24.67 0.19
C5 OLC F . -10.69 32.63 0.05
C4 OLC F . -10.66 34.03 0.67
C10 OLC G . -19.26 37.49 -10.84
C9 OLC G . -20.34 37.04 -11.45
C11 OLC G . -17.82 37.00 -10.99
C8 OLC G . -20.38 35.88 -12.47
C12 OLC G . -16.87 38.14 -10.57
C7 OLC G . -21.54 34.95 -12.12
C13 OLC G . -15.41 37.69 -10.61
C6 OLC G . -22.80 35.34 -12.90
C18 OLC H . -19.85 13.36 4.38
C10 OLC H . -12.90 10.30 10.00
C9 OLC H . -11.94 10.22 10.92
C17 OLC H . -18.96 14.25 5.26
C11 OLC H . -13.71 11.56 9.66
C8 OLC H . -11.46 11.38 11.81
C16 OLC H . -18.28 13.39 6.32
C12 OLC H . -14.20 11.50 8.21
C7 OLC H . -11.03 10.85 13.18
C15 OLC H . -16.79 13.74 6.42
C13 OLC H . -14.98 12.76 7.88
C14 OLC H . -15.97 12.48 6.75
C9 OLC I . -14.78 -3.18 -9.00
C8 OLC I . -16.18 -2.58 -9.18
C24 OLC I . -24.03 -4.85 -17.87
C7 OLC I . -17.07 -3.57 -9.94
C6 OLC I . -17.58 -2.96 -11.25
C5 OLC I . -19.10 -3.04 -11.32
C4 OLC I . -19.55 -4.15 -12.29
C3 OLC I . -20.39 -3.53 -13.39
C2 OLC I . -21.69 -4.30 -13.54
C21 OLC I . -24.24 -4.69 -15.37
C1 OLC I . -22.88 -3.37 -13.87
C22 OLC I . -24.99 -4.58 -16.70
O19 OLC I . -23.24 -2.55 -13.09
O25 OLC I . -24.40 -4.08 -18.98
O23 OLC I . -26.03 -5.53 -16.72
O20 OLC I . -23.52 -3.48 -15.09
C10 OLC J . -20.67 21.98 -6.32
C9 OLC J . -21.54 20.96 -6.42
C11 OLC J . -20.62 23.02 -5.20
C8 OLC J . -22.67 20.64 -5.44
C12 OLC J . -19.30 23.78 -5.27
C7 OLC J . -23.61 19.60 -6.08
C13 OLC J . -19.15 24.74 -4.09
C6 OLC J . -25.03 19.77 -5.51
C14 OLC J . -18.15 25.85 -4.41
C8 OLC K . -1.53 -0.42 0.56
C7 OLC K . -0.99 0.61 1.55
C6 OLC K . 0.46 0.24 1.90
C5 OLC K . 0.71 0.49 3.39
C4 OLC K . 1.29 1.88 3.58
C3 OLC K . 2.12 1.92 4.86
C2 OLC K . 3.61 1.99 4.50
C1 OLA L . -7.21 23.96 13.66
O1 OLA L . -7.85 25.03 13.60
O2 OLA L . -6.38 23.61 12.78
C2 OLA L . -7.44 23.03 14.84
C3 OLA L . -8.52 22.01 14.55
C4 OLA L . -8.01 20.77 13.80
C5 OLA L . -9.01 19.61 13.80
C6 OLA L . -10.29 19.86 13.02
C7 OLA L . -10.11 19.64 11.51
C8 OLA L . -11.41 19.27 10.80
C9 OLA L . -11.90 20.44 9.95
C1 OLA M . -20.26 35.78 -22.85
O1 OLA M . -20.69 34.62 -23.01
O2 OLA M . -19.99 36.53 -23.81
C2 OLA M . -20.03 36.30 -21.43
C3 OLA M . -21.19 36.00 -20.49
C4 OLA M . -20.78 36.12 -19.01
C5 OLA M . -20.40 34.77 -18.38
C6 OLA M . -18.90 34.70 -18.13
C7 OLA M . -18.58 33.77 -16.97
C8 OLA M . -17.71 34.45 -15.91
C9 OLA M . -17.72 33.63 -14.64
C10 OLA M . -16.69 33.51 -13.79
C11 OLA M . -15.34 34.17 -13.98
C1 OLA N . -5.60 11.90 19.92
O1 OLA N . -5.86 12.80 20.78
O2 OLA N . -4.64 11.98 19.12
C2 OLA N . -6.49 10.67 19.87
C3 OLA N . -7.56 10.82 18.80
C4 OLA N . -7.16 10.03 17.57
C5 OLA N . -8.22 8.98 17.24
C6 OLA N . -9.02 9.37 15.99
C1 OLA O . 7.64 21.15 -7.30
O1 OLA O . 7.46 20.11 -7.99
O2 OLA O . 7.68 21.14 -6.05
C2 OLA O . 7.86 22.49 -7.99
C3 OLA O . 6.72 23.47 -7.72
C4 OLA O . 6.16 24.11 -9.00
C5 OLA O . 4.87 23.42 -9.43
C6 OLA O . 4.45 23.79 -10.85
C7 OLA O . 4.83 22.69 -11.83
C8 OLA O . 3.71 22.37 -12.81
C9 OLA O . 3.89 23.16 -14.08
C10 OLA O . 3.56 22.78 -15.31
C11 OLA O . 2.89 21.48 -15.69
C12 OLA O . 1.56 21.81 -16.34
C13 OLA O . 1.53 21.37 -17.80
C14 OLA O . 0.28 21.91 -18.50
C15 OLA O . -0.54 20.78 -19.14
C16 OLA O . -2.02 20.94 -18.84
C17 OLA O . -2.75 21.74 -19.92
C1 OLA P . -14.10 -1.10 -30.21
O1 OLA P . -15.07 -0.99 -29.43
O2 OLA P . -13.71 -2.20 -30.64
C2 OLA P . -13.40 0.16 -30.67
C3 OLA P . -12.53 0.77 -29.59
C4 OLA P . -12.88 2.21 -29.26
C5 OLA P . -11.92 2.77 -28.21
C1 OLA Q . -10.50 6.28 -28.30
O1 OLA Q . -10.64 5.59 -29.34
O2 OLA Q . -11.51 6.64 -27.65
C2 OLA Q . -9.11 6.71 -27.88
C3 OLA Q . -8.30 5.56 -27.27
C4 OLA Q . -6.82 5.90 -27.15
C5 OLA Q . -6.14 5.11 -26.03
C1 OLA R . -15.36 -5.21 -20.79
O1 OLA R . -16.59 -5.38 -20.68
O2 OLA R . -14.67 -5.72 -21.70
C2 OLA R . -14.67 -4.34 -19.75
C3 OLA R . -14.05 -5.21 -18.67
C4 OLA R . -12.55 -5.28 -18.86
C5 OLA R . -11.92 -6.22 -17.84
C6 OLA R . -10.96 -5.47 -16.91
C7 OLA R . -11.20 -5.92 -15.48
C8 OLA R . -10.46 -5.00 -14.51
C9 OLA R . -9.42 -5.79 -13.78
C10 OLA R . -8.19 -5.33 -13.48
C11 OLA R . -7.69 -3.93 -13.81
C12 OLA R . -6.65 -3.54 -12.77
C13 OLA R . -5.64 -2.53 -13.29
C14 OLA R . -4.29 -2.73 -12.61
C15 OLA R . -3.29 -3.30 -13.61
C16 OLA R . -2.36 -2.22 -14.16
C17 OLA R . -1.89 -2.54 -15.58
C18 OLA R . -1.68 -1.25 -16.35
C1 OLA S . -0.48 -0.85 12.58
O1 OLA S . -1.03 0.23 12.85
O2 OLA S . 0.74 -1.06 12.78
C2 OLA S . -1.33 -1.98 12.03
C3 OLA S . -1.11 -2.16 10.54
C4 OLA S . -2.40 -1.94 9.76
C5 OLA S . -2.50 -2.78 8.49
C6 OLA S . -3.89 -3.40 8.37
C7 OLA S . -4.73 -2.77 7.25
C8 OLA S . -6.22 -2.82 7.58
C9 OLA S . -7.01 -2.29 6.40
C10 OLA S . -8.18 -1.63 6.49
C11 OLA S . -8.90 -1.33 7.77
C7 OLA T . 4.76 7.23 -2.57
C8 OLA T . 3.44 6.94 -3.26
C9 OLA T . 3.19 7.97 -4.35
C10 OLA T . 2.09 8.04 -5.11
C11 OLA T . 0.92 7.09 -4.98
C12 OLA T . 0.30 6.91 -6.37
C1 OLA U . -24.72 2.62 -4.17
O1 OLA U . -24.75 2.43 -5.41
O2 OLA U . -25.76 2.68 -3.47
C2 OLA U . -23.37 2.75 -3.50
C3 OLA U . -23.11 4.14 -2.90
C4 OLA U . -22.50 4.05 -1.50
C5 OLA U . -20.98 4.05 -1.51
C6 OLA U . -20.41 3.91 -0.10
C7 OLA U . -18.93 3.48 -0.13
C8 OLA U . -18.14 4.03 1.05
C9 OLA U . -16.72 3.55 0.94
C10 OLA U . -15.73 3.77 1.81
C11 OLA U . -15.85 4.57 3.09
C12 OLA U . -14.63 4.32 3.96
C13 OLA U . -14.11 5.61 4.60
C14 OLA U . -14.59 5.78 6.04
C15 OLA U . -13.97 7.00 6.72
C16 OLA U . -12.90 6.64 7.75
C17 OLA U . -11.49 6.76 7.19
C18 OLA U . -10.52 5.80 7.86
C1 OLA V . -8.97 8.62 23.79
O1 OLA V . -8.62 9.61 23.11
O2 OLA V . -8.37 8.30 24.87
C2 OLA V . -10.14 7.74 23.38
C3 OLA V . -10.67 7.99 21.96
C4 OLA V . -11.78 7.00 21.60
C5 OLA V . -12.35 7.34 20.22
C6 OLA V . -12.45 6.12 19.31
C7 OLA V . -12.51 6.55 17.85
C8 OLA V . -12.13 5.42 16.88
C9 OLA V . -12.50 5.80 15.45
C10 OLA V . -12.43 4.97 14.38
C11 OLA V . -11.99 3.52 14.42
C12 OLA V . -11.34 3.10 13.10
OH2 1PE W . -0.77 2.83 26.56
C12 1PE W . -0.60 2.06 25.37
C22 1PE W . -1.82 1.17 25.12
OH3 1PE W . -2.40 1.49 23.87
C13 1PE W . -3.46 0.58 21.89
C23 1PE W . -3.26 0.46 23.40
OH4 1PE W . -4.85 0.61 21.56
C14 1PE W . -6.74 -0.56 20.55
C24 1PE W . -5.23 -0.53 20.77
OH5 1PE W . -7.38 -1.26 21.61
NA NA X . -7.44 19.54 -6.22
C11 ZLK Y . -21.48 -13.35 1.55
C01 ZLK Y . -17.94 -15.86 -0.08
C03 ZLK Y . -19.83 -15.13 -1.46
C04 ZLK Y . -20.85 -14.20 -1.81
C05 ZLK Y . -21.07 -12.90 -1.00
C06 ZLK Y . -21.94 -13.22 0.21
C07 ZLK Y . -23.33 -13.35 0.19
C09 ZLK Y . -25.13 -13.76 1.85
C10 ZLK Y . -22.62 -13.56 2.30
C12 ZLK Y . -20.19 -13.24 2.17
C13 ZLK Y . -20.07 -13.39 3.55
C15 ZLK Y . -17.45 -13.29 3.67
C18 ZLK Y . -15.01 -13.33 4.10
C19 ZLK Y . -14.32 -11.93 3.50
C20 ZLK Y . -13.62 -11.39 4.54
C21 ZLK Y . -13.12 -12.65 5.37
C22 ZLK Y . -14.23 -13.77 5.14
C23 ZLK Y . -21.25 -13.62 4.32
C24 ZLK Y . -22.51 -13.69 3.72
C25 ZLK Y . -21.71 -14.39 -2.93
C26 ZLK Y . -21.54 -15.57 -3.72
C27 ZLK Y . -20.56 -16.54 -3.33
C28 ZLK Y . -19.68 -16.31 -2.26
C29 ZLK Y . -20.28 -17.73 -4.29
C35 ZLK Y . -19.78 -18.77 -7.50
C36 ZLK Y . -18.53 -19.41 -7.69
C37 ZLK Y . -17.64 -18.96 -8.67
C38 ZLK Y . -17.95 -17.83 -9.41
C39 ZLK Y . -19.17 -17.19 -9.23
C40 ZLK Y . -20.09 -17.65 -8.26
C41 ZLK Y . -21.44 -16.87 -8.12
N08 ZLK Y . -23.72 -13.59 1.46
N14 ZLK Y . -18.79 -13.34 4.26
N31 ZLK Y . -21.34 -18.24 -5.15
O02 ZLK Y . -18.96 -14.91 -0.38
O16 ZLK Y . -17.32 -13.38 2.50
O17 ZLK Y . -16.34 -13.09 4.56
O30 ZLK Y . -19.17 -18.13 -4.40
O33 ZLK Y . -22.06 -20.06 -6.89
O34 ZLK Y . -20.26 -20.56 -5.52
S32 ZLK Y . -20.90 -19.46 -6.24
C9 OLC Z . -8.28 -8.74 10.45
C8 OLC Z . -7.24 -9.59 11.17
C7 OLC Z . -6.22 -8.71 11.90
C6 OLC Z . -6.02 -9.23 13.33
C5 OLC Z . -4.89 -8.45 14.03
C4 OLC Z . -4.55 -9.11 15.37
C3 OLC Z . -3.69 -8.19 16.23
C2 OLC Z . -3.53 -8.77 17.63
C10 OLC AA . -9.82 -24.76 12.82
C9 OLC AA . -8.51 -24.67 13.00
C11 OLC AA . -10.87 -24.24 13.80
C8 OLC AA . -7.86 -24.04 14.25
C7 OLC AA . -6.64 -23.21 13.86
C6 OLC AA . -5.37 -23.85 14.43
C5 OLC AA . -4.19 -22.90 14.32
C4 OLC AA . -3.08 -23.53 13.46
C3 OLC AA . -1.70 -23.20 14.01
C10 OLC BA . -5.52 -28.76 -10.31
C9 OLC BA . -6.35 -28.04 -11.06
C11 OLC BA . -4.01 -28.90 -10.47
C8 OLC BA . -5.95 -27.20 -12.28
C12 OLC BA . -3.54 -30.02 -9.52
C7 OLC BA . -7.15 -26.38 -12.73
C13 OLC BA . -2.12 -29.77 -9.06
C6 OLC BA . -6.98 -26.00 -14.21
C5 OLC BA . -8.34 -25.88 -14.89
C4 OLC BA . -8.16 -26.28 -16.36
C10 OLC CA . 5.16 -19.62 -9.99
C9 OLC CA . 6.48 -19.57 -10.08
C11 OLC CA . 4.37 -20.73 -9.28
C8 OLC CA . 7.44 -20.62 -9.49
C12 OLC CA . 3.97 -21.84 -10.26
C7 OLC CA . 8.89 -20.29 -9.85
C13 OLC CA . 2.52 -21.64 -10.71
C6 OLC CA . 9.64 -19.87 -8.59
C5 OLC CA . 11.07 -19.49 -8.95
C4 OLC CA . 11.32 -18.05 -8.51
C10 OLC DA . -5.43 -23.90 -17.52
C9 OLC DA . -6.34 -23.83 -18.48
C11 OLC DA . -5.55 -23.21 -16.14
C8 OLC DA . -7.65 -23.03 -18.37
C12 OLC DA . -4.22 -22.59 -15.69
C7 OLC DA . -8.52 -23.26 -19.61
C13 OLC DA . -3.28 -23.64 -15.08
C6 OLC DA . -9.60 -22.17 -19.67
C14 OLC DA . -3.42 -23.73 -13.56
C5 OLC DA . -10.94 -22.79 -20.05
C10 OLC EA . -6.09 -7.46 5.40
C9 OLC EA . -5.25 -8.46 5.67
C11 OLC EA . -6.66 -6.46 6.42
C8 OLC EA . -4.68 -8.83 7.04
C12 OLC EA . -8.14 -6.17 6.13
C7 OLC EA . -3.16 -8.79 7.01
C13 OLC EA . -9.00 -6.83 7.22
C6 OLC EA . -2.66 -7.46 7.59
C5 OLC EA . -1.29 -7.64 8.27
C4 OLC EA . -1.34 -7.13 9.71
C9 OLC FA . -3.64 -7.38 -13.34
C8 OLC FA . -3.66 -8.14 -14.68
C7 OLC FA . -4.96 -7.81 -15.42
C6 OLC FA . -5.38 -8.99 -16.30
C5 OLC FA . -6.91 -8.98 -16.38
C4 OLC FA . -7.43 -10.32 -16.91
C3 OLC FA . -8.96 -10.32 -16.81
C10 OLC GA . -11.08 -7.99 -9.08
C9 OLC GA . -12.40 -7.99 -9.18
C11 OLC GA . -10.22 -6.84 -9.57
C8 OLC GA . -13.21 -6.85 -9.81
C24 OLC GA . -21.32 -8.02 -17.89
C16 OLC GA . -6.05 -3.47 -7.98
C12 OLC GA . -8.78 -7.05 -9.10
C7 OLC GA . -13.90 -7.35 -11.07
C15 OLC GA . -6.63 -4.81 -7.51
C13 OLC GA . -8.00 -5.77 -9.40
C6 OLC GA . -14.06 -6.16 -12.02
C14 OLC GA . -6.65 -5.80 -8.68
C5 OLC GA . -15.45 -6.20 -12.65
C4 OLC GA . -15.27 -6.28 -14.16
C3 OLC GA . -16.52 -6.89 -14.77
C2 OLC GA . -16.60 -6.45 -16.22
C21 OLC GA . -20.10 -7.39 -15.77
C1 OLC GA . -18.01 -6.61 -16.80
C22 OLC GA . -21.37 -7.19 -16.59
O19 OLC GA . -18.09 -6.90 -17.95
O25 OLC GA . -21.25 -7.20 -19.02
O23 OLC GA . -22.48 -7.61 -15.86
O20 OLC GA . -19.13 -6.35 -16.01
C5 OLC HA . -21.95 -0.93 0.56
C4 OLC HA . -22.62 0.16 1.40
C3 OLC HA . -23.49 1.03 0.50
C2 OLC HA . -24.88 1.22 1.12
C1 OLC HA . -25.97 0.56 0.27
O19 OLC HA . -26.90 1.33 -0.37
O20 OLC HA . -26.03 -0.62 0.15
C1 OLA IA . -13.06 -14.57 -16.09
O1 OLA IA . -13.68 -13.95 -16.98
O2 OLA IA . -13.33 -15.75 -15.78
C2 OLA IA . -11.93 -13.88 -15.34
C3 OLA IA . -10.64 -13.93 -16.13
C4 OLA IA . -9.42 -13.71 -15.23
C5 OLA IA . -8.26 -14.60 -15.67
C6 OLA IA . -6.90 -13.91 -15.67
C7 OLA IA . -5.80 -14.96 -15.82
C8 OLA IA . -4.42 -14.40 -15.48
C9 OLA IA . -3.41 -15.52 -15.54
C10 OLA IA . -2.17 -15.31 -15.98
C1 OLA JA . 16.93 -7.94 -7.81
O1 OLA JA . 16.70 -9.15 -7.54
O2 OLA JA . 18.10 -7.49 -7.90
C2 OLA JA . 15.77 -6.98 -8.02
C3 OLA JA . 14.98 -7.28 -9.30
C4 OLA JA . 13.89 -8.32 -9.04
C5 OLA JA . 12.99 -8.51 -10.25
C6 OLA JA . 12.34 -9.89 -10.25
C7 OLA JA . 10.92 -9.86 -10.80
C8 OLA JA . 9.93 -10.45 -9.79
C1 OLA KA . 15.06 -24.10 -6.06
O1 OLA KA . 15.65 -24.72 -6.99
O2 OLA KA . 15.15 -22.86 -5.94
C2 OLA KA . 14.23 -24.87 -5.06
C3 OLA KA . 13.05 -25.60 -5.70
C4 OLA KA . 12.66 -26.86 -4.91
C5 OLA KA . 12.12 -27.95 -5.82
C6 OLA KA . 10.60 -28.09 -5.68
C7 OLA KA . 10.07 -29.35 -6.36
C8 OLA KA . 8.56 -29.28 -6.58
C9 OLA KA . 7.84 -29.88 -5.39
C10 OLA KA . 6.53 -29.81 -5.16
C11 OLA KA . 5.52 -29.12 -6.07
C12 OLA KA . 4.26 -28.79 -5.28
C13 OLA KA . 3.04 -29.51 -5.84
C14 OLA KA . 2.19 -28.56 -6.69
C1 OLA LA . -12.47 -18.54 -17.76
O1 OLA LA . -13.52 -17.86 -17.84
O2 OLA LA . -12.11 -19.32 -18.68
C2 OLA LA . -11.62 -18.44 -16.50
C3 OLA LA . -10.33 -17.67 -16.76
C4 OLA LA . -9.18 -18.33 -15.98
C5 OLA LA . -7.81 -18.13 -16.61
C6 OLA LA . -6.90 -19.28 -16.22
C7 OLA LA . -5.46 -19.06 -16.68
C1 OLA MA . -12.88 -14.62 -21.50
O1 OLA MA . -13.05 -14.72 -22.73
O2 OLA MA . -13.60 -15.23 -20.67
C2 OLA MA . -11.75 -13.74 -21.01
C3 OLA MA . -10.83 -14.46 -20.01
C4 OLA MA . -9.34 -14.29 -20.32
C5 OLA MA . -8.81 -15.28 -21.37
C6 OLA MA . -8.79 -16.73 -20.89
C7 OLA MA . -8.05 -17.65 -21.85
C8 OLA MA . -7.65 -18.94 -21.14
C9 OLA MA . -6.25 -18.81 -20.60
C1 OLA NA . -26.53 -3.11 -10.67
O1 OLA NA . -26.84 -2.44 -11.69
O2 OLA NA . -26.77 -4.34 -10.56
C2 OLA NA . -25.82 -2.40 -9.52
C3 OLA NA . -24.63 -1.56 -9.99
C4 OLA NA . -23.56 -1.46 -8.90
C5 OLA NA . -22.46 -0.49 -9.28
C6 OLA NA . -21.38 -0.43 -8.20
C7 OLA NA . -20.24 0.49 -8.63
C8 OLA NA . -18.88 -0.16 -8.37
C9 OLA NA . -17.78 0.75 -8.85
C10 OLA NA . -16.97 1.45 -8.03
C11 OLA NA . -17.07 1.40 -6.52
C12 OLA NA . -16.20 2.47 -5.86
C13 OLA NA . -16.17 2.28 -4.35
C14 OLA NA . -14.75 2.47 -3.84
C15 OLA NA . -14.58 1.80 -2.50
C16 OLA NA . -13.10 1.76 -2.10
C17 OLA NA . -12.88 0.97 -0.82
C18 OLA NA . -12.77 1.88 0.40
C1 OLA OA . -26.25 -2.06 -5.88
O1 OLA OA . -25.89 -1.04 -6.50
O2 OLA OA . -26.99 -2.93 -6.39
C2 OLA OA . -25.82 -2.24 -4.44
C3 OLA OA . -24.31 -2.45 -4.34
C4 OLA OA . -23.71 -1.51 -3.31
C5 OLA OA . -22.58 -0.70 -3.94
C6 OLA OA . -21.34 -0.70 -3.06
C7 OLA OA . -20.08 -0.30 -3.85
C8 OLA OA . -18.94 0.04 -2.90
C9 OLA OA . -18.15 -1.23 -2.58
C10 OLA OA . -17.81 -1.66 -1.35
C11 OLA OA . -18.11 -0.99 -0.03
C12 OLA OA . -17.18 -1.57 1.04
C13 OLA OA . -16.11 -0.56 1.46
C14 OLA OA . -14.91 -1.20 2.14
C15 OLA OA . -15.08 -1.31 3.66
C16 OLA OA . -13.90 -0.69 4.41
C1 OLA PA . -13.40 -40.54 -4.00
O1 OLA PA . -14.35 -40.62 -4.80
O2 OLA PA . -13.06 -41.51 -3.27
C2 OLA PA . -12.63 -39.23 -3.89
C3 OLA PA . -11.14 -39.39 -4.18
C4 OLA PA . -10.33 -38.47 -3.26
C5 OLA PA . -8.86 -38.88 -3.21
C6 OLA PA . -8.36 -39.07 -1.77
C7 OLA PA . -7.59 -37.85 -1.26
C8 OLA PA . -7.38 -37.91 0.26
C9 OLA PA . -7.62 -36.54 0.88
C10 OLA PA . -7.89 -36.31 2.17
C11 OLA PA . -8.01 -37.39 3.24
C12 OLA PA . -9.27 -37.19 4.07
C13 OLA PA . -10.46 -37.94 3.47
C14 OLA PA . -11.70 -37.87 4.36
C15 OLA PA . -13.00 -37.96 3.56
C16 OLA PA . -13.53 -39.39 3.50
C17 OLA PA . -13.58 -39.91 2.07
C18 OLA PA . -14.88 -40.64 1.81
C11 ZLK QA . -24.51 -12.03 8.53
C01 ZLK QA . -28.42 -9.85 3.52
C03 ZLK QA . -27.62 -11.59 4.91
C04 ZLK QA . -27.03 -12.12 6.10
C05 ZLK QA . -26.61 -11.14 7.25
C06 ZLK QA . -25.92 -11.86 8.39
C07 ZLK QA . -26.55 -12.51 9.46
C09 ZLK QA . -25.84 -13.79 11.49
C10 ZLK QA . -24.33 -12.78 9.69
C12 ZLK QA . -23.38 -11.58 7.77
C13 ZLK QA . -22.10 -11.85 8.24
C15 ZLK QA . -20.79 -10.27 6.71
C18 ZLK QA . -19.03 -9.10 5.40
C19 ZLK QA . -18.09 -8.75 6.73
C20 ZLK QA . -16.92 -8.30 6.21
C21 ZLK QA . -16.70 -9.20 4.93
C22 ZLK QA . -18.18 -9.40 4.36
C23 ZLK QA . -21.91 -12.60 9.44
C24 ZLK QA . -23.01 -13.08 10.16
C25 ZLK QA . -26.86 -13.54 6.24
C26 ZLK QA . -27.24 -14.42 5.19
C27 ZLK QA . -27.90 -13.88 4.05
C28 ZLK QA . -28.02 -12.48 3.87
C29 ZLK QA . -28.28 -14.77 2.82
C35 ZLK QA . -26.95 -16.81 0.38
C36 ZLK QA . -27.20 -16.37 -0.92
C37 ZLK QA . -26.14 -16.18 -1.82
C38 ZLK QA . -24.83 -16.38 -1.40
C39 ZLK QA . -24.57 -16.79 -0.10
C40 ZLK QA . -25.65 -17.01 0.81
C41 ZLK QA . -25.30 -17.49 2.26
N08 ZLK QA . -25.59 -13.07 10.22
N14 ZLK QA . -20.89 -11.50 7.47
N31 ZLK QA . -28.00 -16.17 2.88
O02 ZLK QA . -27.81 -10.22 4.74
O16 ZLK QA . -21.44 -9.35 7.01
O17 ZLK QA . -19.90 -10.22 5.61
O30 ZLK QA . -28.74 -14.29 1.85
O33 ZLK QA . -29.62 -16.63 0.90
O34 ZLK QA . -28.56 -18.46 1.82
S32 ZLK QA . -28.35 -17.06 1.49
NA NA RA . -4.02 -21.98 0.73
#